data_3ND2
#
_entry.id   3ND2
#
_cell.length_a   58.835
_cell.length_b   128.272
_cell.length_c   69.050
_cell.angle_alpha   90.00
_cell.angle_beta   102.68
_cell.angle_gamma   90.00
#
_symmetry.space_group_name_H-M   'P 1 21 1'
#
loop_
_entity.id
_entity.type
_entity.pdbx_description
1 polymer 'Importin subunit beta-1'
2 water water
#
_entity_poly.entity_id   1
_entity_poly.type   'polypeptide(L)'
_entity_poly.pdbx_seq_one_letter_code
;MSTAEFAQLLENSILSPDQNIRLTSETQLKKLSNDNFLQFAGLSSQVLIDENTKLEGRILAALTLKNELVSKDSVKTQQF
AQRWITQVSPEAKNQIKTNALTALVSIEPRIANAAAQLIAAIADIELPHGAWPELMKIMVDNTGAEQPENVKRASLLALG
YMCESADPQSQALVSSSNNILIAIVQGAQSTETSKAVRLAALNALADSLIFIKNNMEREGERNYLMQVVCEATQAEDIEV
QAAAFGCLCKIMSLYYTFMKPYMEQALYALTIATMKSPNDKVASMTVEFWSTICEEEIDIAYELAQFPQSPLQSYNFALS
SIKDVVPNLLNLLTRQNEDPEDDDWNVSMSAGACLQLFAQNCGNHILEPVLEFVEQNITADNWRNREAAVMAFGSIMDGP
DKVQRTYYVHQALPSILNLMNDQSLQVKETTAWCIGRIADSVAESIDPQQHLPGVVQACLIGLQDHPKVATNCSWTIINL
VEQLAEATPSPIYNFYPALVDGLIGAANRIDNEFNARASAFSALTTMVEYATDTVAETSASISTFVMDKLGQTMSVDENQ
LTLEDAQSLQELQSNILTVLAAVIRKSPSSVEPVADMLMGLFFRLLEKKDSAFIEDDVFYAISALAASLGKGFEKYLETF
SPYLLKALNQVDSPVSITAVGFIADISNSLEEDFRRYSDAMMNVLAQMISNPNARRELKPAVLSVFGDIASNIGADFIPY
LNDIMALCVAAQNTKPENGTLEALDYQIKVLEAVLDAYVGIVAGLHDKPEALFPYVGTIFQFIAQVAEDPQLYSEDATSR
AAVGLIGDIAAMFPDGSIKQFYGQDWVIDYIKRTRSGQLFSQATKDTARWAREQQKRQLSL
;
_entity_poly.pdbx_strand_id   A
#
# COMPACT_ATOMS: atom_id res chain seq x y z
N MET A 1 46.36 6.98 -3.46
CA MET A 1 45.80 7.37 -2.14
C MET A 1 46.05 6.28 -1.10
N SER A 2 46.26 6.69 0.15
CA SER A 2 46.42 5.74 1.25
C SER A 2 45.10 5.47 1.97
N THR A 3 45.08 4.39 2.75
CA THR A 3 43.93 4.03 3.59
C THR A 3 43.52 5.20 4.48
N ALA A 4 44.51 5.78 5.16
CA ALA A 4 44.31 6.87 6.10
C ALA A 4 43.58 8.07 5.49
N GLU A 5 43.99 8.46 4.29
CA GLU A 5 43.44 9.66 3.63
C GLU A 5 42.14 9.41 2.87
N PHE A 6 41.86 8.13 2.56
CA PHE A 6 40.54 7.77 2.05
C PHE A 6 39.53 7.83 3.21
N ALA A 7 39.97 7.39 4.38
CA ALA A 7 39.15 7.48 5.60
C ALA A 7 38.76 8.94 5.90
N GLN A 8 39.75 9.82 5.88
CA GLN A 8 39.55 11.26 6.11
C GLN A 8 38.63 11.89 5.06
N LEU A 9 38.72 11.39 3.83
CA LEU A 9 37.85 11.81 2.73
C LEU A 9 36.37 11.48 2.99
N LEU A 10 36.12 10.31 3.57
CA LEU A 10 34.77 9.84 3.90
C LEU A 10 34.17 10.64 5.06
N GLU A 11 34.94 10.74 6.12
CA GLU A 11 34.62 11.57 7.28
C GLU A 11 34.27 13.00 6.89
N ASN A 12 35.02 13.58 5.95
CA ASN A 12 34.73 14.93 5.44
C ASN A 12 33.40 15.02 4.67
N SER A 13 33.06 13.95 3.94
CA SER A 13 31.90 13.95 3.03
C SER A 13 30.54 14.15 3.74
N ILE A 14 30.50 13.87 5.04
CA ILE A 14 29.32 14.17 5.89
C ILE A 14 29.68 14.67 7.30
N LEU A 15 30.71 14.07 7.91
CA LEU A 15 31.07 14.36 9.31
C LEU A 15 31.78 15.69 9.53
N SER A 16 32.11 16.39 8.43
CA SER A 16 32.60 17.76 8.51
C SER A 16 31.39 18.70 8.60
N PRO A 17 31.51 19.76 9.42
CA PRO A 17 30.46 20.76 9.56
C PRO A 17 30.61 21.92 8.57
N ASP A 18 31.68 21.89 7.78
CA ASP A 18 31.86 22.82 6.67
C ASP A 18 31.18 22.21 5.45
N GLN A 19 30.20 22.94 4.93
CA GLN A 19 29.36 22.55 3.80
C GLN A 19 30.17 22.41 2.50
N ASN A 20 31.14 23.30 2.32
CA ASN A 20 31.99 23.32 1.14
C ASN A 20 33.02 22.20 1.07
N ILE A 21 33.64 21.88 2.22
CA ILE A 21 34.48 20.69 2.35
C ILE A 21 33.66 19.45 2.01
N ARG A 22 32.39 19.44 2.44
CA ARG A 22 31.45 18.33 2.20
C ARG A 22 31.21 18.06 0.71
N LEU A 23 30.78 19.10 -0.03
CA LEU A 23 30.50 18.99 -1.46
C LEU A 23 31.72 18.51 -2.25
N THR A 24 32.89 19.05 -1.90
CA THR A 24 34.16 18.75 -2.57
C THR A 24 34.58 17.29 -2.35
N SER A 25 34.42 16.82 -1.12
CA SER A 25 34.73 15.43 -0.77
C SER A 25 33.75 14.44 -1.40
N GLU A 26 32.47 14.80 -1.39
CA GLU A 26 31.39 14.06 -2.07
C GLU A 26 31.71 13.90 -3.55
N THR A 27 32.11 15.02 -4.17
CA THR A 27 32.44 15.08 -5.59
C THR A 27 33.71 14.30 -5.92
N GLN A 28 34.75 14.44 -5.09
CA GLN A 28 36.00 13.69 -5.28
C GLN A 28 35.75 12.18 -5.24
N LEU A 29 34.96 11.74 -4.26
CA LEU A 29 34.63 10.34 -4.08
C LEU A 29 33.86 9.76 -5.27
N LYS A 30 32.94 10.54 -5.83
CA LYS A 30 32.16 10.13 -7.00
C LYS A 30 33.06 9.98 -8.24
N LYS A 31 33.97 10.92 -8.41
CA LYS A 31 34.96 10.86 -9.46
C LYS A 31 35.79 9.59 -9.29
N LEU A 32 36.17 9.29 -8.04
CA LEU A 32 36.97 8.10 -7.73
C LEU A 32 36.22 6.78 -8.00
N SER A 33 34.92 6.75 -7.66
CA SER A 33 34.09 5.56 -7.93
C SER A 33 33.88 5.37 -9.43
N ASN A 34 33.96 6.47 -10.17
CA ASN A 34 33.77 6.45 -11.62
C ASN A 34 35.05 6.20 -12.43
N ASP A 35 36.15 6.82 -12.04
CA ASP A 35 37.44 6.70 -12.73
C ASP A 35 38.11 5.34 -12.47
N ASN A 36 38.22 5.00 -11.17
CA ASN A 36 38.85 3.76 -10.73
C ASN A 36 38.01 3.11 -9.62
N PHE A 37 37.00 2.34 -10.02
CA PHE A 37 36.11 1.73 -9.04
C PHE A 37 36.83 0.69 -8.17
N LEU A 38 37.66 -0.11 -8.82
CA LEU A 38 38.54 -1.05 -8.15
C LEU A 38 39.17 -0.44 -6.90
N GLN A 39 39.88 0.67 -7.08
CA GLN A 39 40.60 1.37 -6.01
C GLN A 39 39.65 1.95 -4.97
N PHE A 40 38.50 2.43 -5.43
CA PHE A 40 37.47 2.96 -4.54
C PHE A 40 36.96 1.87 -3.59
N ALA A 41 36.69 0.68 -4.16
CA ALA A 41 36.11 -0.43 -3.43
C ALA A 41 37.16 -1.07 -2.53
N GLY A 42 38.40 -1.08 -3.04
CA GLY A 42 39.55 -1.65 -2.34
C GLY A 42 39.81 -0.87 -1.07
N LEU A 43 39.96 0.44 -1.22
CA LEU A 43 40.25 1.35 -0.11
C LEU A 43 39.12 1.35 0.92
N SER A 44 37.87 1.30 0.46
CA SER A 44 36.72 1.15 1.37
C SER A 44 36.87 -0.08 2.28
N SER A 45 37.23 -1.21 1.68
CA SER A 45 37.38 -2.46 2.41
C SER A 45 38.54 -2.46 3.41
N GLN A 46 39.63 -1.74 3.09
CA GLN A 46 40.77 -1.67 4.03
C GLN A 46 40.68 -0.53 5.04
N VAL A 47 39.77 0.43 4.82
CA VAL A 47 39.40 1.37 5.87
C VAL A 47 38.52 0.64 6.89
N LEU A 48 37.59 -0.18 6.40
CA LEU A 48 36.70 -1.01 7.21
C LEU A 48 37.42 -1.91 8.24
N ILE A 49 38.57 -2.46 7.86
CA ILE A 49 39.32 -3.35 8.75
C ILE A 49 40.49 -2.65 9.43
N ASP A 50 40.59 -1.34 9.24
CA ASP A 50 41.65 -0.55 9.86
C ASP A 50 41.36 -0.28 11.34
N GLU A 51 42.07 -0.99 12.22
CA GLU A 51 41.91 -0.85 13.67
C GLU A 51 42.43 0.49 14.19
N ASN A 52 43.03 1.28 13.28
CA ASN A 52 43.58 2.61 13.60
C ASN A 52 42.68 3.77 13.16
N THR A 53 41.67 3.46 12.34
CA THR A 53 40.62 4.40 11.94
C THR A 53 39.48 4.31 12.96
N LYS A 54 38.92 5.47 13.32
CA LYS A 54 37.82 5.53 14.30
C LYS A 54 36.57 4.82 13.81
N LEU A 55 35.72 4.38 14.74
CA LEU A 55 34.60 3.48 14.42
C LEU A 55 33.73 3.94 13.26
N GLU A 56 33.22 5.15 13.35
CA GLU A 56 32.24 5.63 12.39
C GLU A 56 32.81 5.82 10.99
N GLY A 57 34.12 6.06 10.91
CA GLY A 57 34.83 6.08 9.63
C GLY A 57 34.94 4.71 9.00
N ARG A 58 35.18 3.69 9.82
CA ARG A 58 35.17 2.30 9.35
C ARG A 58 33.77 1.87 8.93
N ILE A 59 32.76 2.28 9.70
CA ILE A 59 31.35 2.01 9.40
C ILE A 59 30.89 2.73 8.14
N LEU A 60 31.33 3.97 7.96
CA LEU A 60 31.07 4.73 6.73
C LEU A 60 31.65 4.06 5.49
N ALA A 61 32.88 3.56 5.59
CA ALA A 61 33.51 2.87 4.47
C ALA A 61 32.68 1.68 3.97
N ALA A 62 32.11 0.92 4.89
CA ALA A 62 31.28 -0.23 4.56
C ALA A 62 29.96 0.18 3.90
N LEU A 63 29.29 1.17 4.49
CA LEU A 63 27.98 1.57 4.01
C LEU A 63 28.01 2.38 2.74
N THR A 64 29.13 3.05 2.47
CA THR A 64 29.28 3.77 1.20
C THR A 64 29.68 2.82 0.07
N LEU A 65 30.40 1.76 0.39
CA LEU A 65 30.66 0.73 -0.60
C LEU A 65 29.37 -0.02 -0.93
N LYS A 66 28.66 -0.47 0.10
CA LYS A 66 27.37 -1.14 -0.02
C LYS A 66 26.39 -0.34 -0.89
N ASN A 67 26.41 0.98 -0.76
CA ASN A 67 25.53 1.85 -1.54
C ASN A 67 26.02 2.10 -2.97
N GLU A 68 27.20 1.60 -3.29
CA GLU A 68 27.70 1.60 -4.66
C GLU A 68 27.60 0.23 -5.33
N LEU A 69 27.04 -0.74 -4.60
CA LEU A 69 26.84 -2.08 -5.14
C LEU A 69 25.37 -2.40 -5.27
N VAL A 70 24.57 -1.74 -4.43
CA VAL A 70 23.18 -2.09 -4.22
C VAL A 70 22.27 -0.84 -4.18
N SER A 71 21.11 -0.95 -4.81
CA SER A 71 20.15 0.14 -4.93
C SER A 71 18.70 -0.38 -4.94
N LYS A 72 17.76 0.50 -4.61
CA LYS A 72 16.33 0.23 -4.73
C LYS A 72 15.80 0.57 -6.13
N ASP A 73 16.62 1.26 -6.90
CA ASP A 73 16.32 1.56 -8.29
C ASP A 73 16.85 0.40 -9.12
N SER A 74 15.95 -0.26 -9.86
CA SER A 74 16.29 -1.49 -10.58
C SER A 74 17.40 -1.31 -11.60
N VAL A 75 17.33 -0.24 -12.39
CA VAL A 75 18.34 0.08 -13.42
C VAL A 75 19.72 0.37 -12.79
N LYS A 76 19.69 1.02 -11.62
CA LYS A 76 20.90 1.30 -10.85
C LYS A 76 21.54 0.05 -10.26
N THR A 77 20.71 -0.89 -9.81
CA THR A 77 21.20 -2.17 -9.27
C THR A 77 21.84 -3.00 -10.37
N GLN A 78 21.21 -2.99 -11.54
CA GLN A 78 21.70 -3.65 -12.75
C GLN A 78 23.02 -3.03 -13.21
N GLN A 79 23.18 -1.72 -13.01
CA GLN A 79 24.41 -1.00 -13.34
C GLN A 79 25.55 -1.24 -12.35
N PHE A 80 25.23 -1.20 -11.05
CA PHE A 80 26.20 -1.49 -9.98
C PHE A 80 26.73 -2.92 -10.06
N ALA A 81 25.84 -3.85 -10.40
CA ALA A 81 26.18 -5.27 -10.52
C ALA A 81 27.15 -5.54 -11.66
N GLN A 82 26.90 -4.91 -12.81
CA GLN A 82 27.79 -4.98 -13.98
C GLN A 82 29.16 -4.30 -13.78
N ARG A 83 29.18 -3.23 -12.99
CA ARG A 83 30.43 -2.55 -12.63
C ARG A 83 31.31 -3.44 -11.74
N TRP A 84 30.73 -3.98 -10.68
CA TRP A 84 31.46 -4.88 -9.80
C TRP A 84 32.00 -6.05 -10.61
N ILE A 85 31.18 -6.61 -11.48
CA ILE A 85 31.53 -7.79 -12.25
C ILE A 85 32.65 -7.55 -13.25
N THR A 86 32.59 -6.42 -13.96
CA THR A 86 33.50 -6.16 -15.08
C THR A 86 34.63 -5.18 -14.77
N GLN A 87 34.42 -4.27 -13.81
CA GLN A 87 35.40 -3.23 -13.50
C GLN A 87 36.36 -3.58 -12.38
N VAL A 88 35.99 -4.56 -11.57
CA VAL A 88 36.87 -5.03 -10.50
C VAL A 88 37.48 -6.40 -10.85
N SER A 89 38.81 -6.52 -10.73
CA SER A 89 39.49 -7.78 -11.02
C SER A 89 39.10 -8.86 -10.00
N PRO A 90 39.12 -10.16 -10.41
CA PRO A 90 38.76 -11.22 -9.48
C PRO A 90 39.66 -11.25 -8.25
N GLU A 91 40.92 -10.84 -8.40
CA GLU A 91 41.86 -10.75 -7.29
C GLU A 91 41.51 -9.63 -6.31
N ALA A 92 41.15 -8.45 -6.81
CA ALA A 92 40.69 -7.36 -5.95
C ALA A 92 39.38 -7.71 -5.25
N LYS A 93 38.44 -8.27 -6.01
CA LYS A 93 37.18 -8.78 -5.44
C LYS A 93 37.46 -9.75 -4.31
N ASN A 94 38.46 -10.59 -4.47
CA ASN A 94 38.86 -11.55 -3.45
C ASN A 94 39.31 -10.87 -2.16
N GLN A 95 40.09 -9.79 -2.29
CA GLN A 95 40.59 -9.05 -1.12
C GLN A 95 39.49 -8.32 -0.40
N ILE A 96 38.60 -7.69 -1.16
CA ILE A 96 37.46 -6.98 -0.62
C ILE A 96 36.53 -7.93 0.13
N LYS A 97 36.26 -9.09 -0.46
CA LYS A 97 35.41 -10.11 0.17
C LYS A 97 36.06 -10.58 1.47
N THR A 98 37.36 -10.90 1.36
CA THR A 98 38.17 -11.33 2.49
C THR A 98 38.17 -10.29 3.60
N ASN A 99 38.26 -9.02 3.23
CA ASN A 99 38.23 -7.93 4.20
C ASN A 99 36.85 -7.79 4.85
N ALA A 100 35.80 -7.95 4.05
CA ALA A 100 34.43 -7.90 4.55
C ALA A 100 34.21 -9.02 5.57
N LEU A 101 34.73 -10.21 5.29
CA LEU A 101 34.66 -11.37 6.20
C LEU A 101 35.50 -11.22 7.46
N THR A 102 36.62 -10.49 7.36
CA THR A 102 37.43 -10.12 8.52
C THR A 102 36.68 -9.15 9.44
N ALA A 103 36.03 -8.16 8.85
CA ALA A 103 35.27 -7.16 9.61
C ALA A 103 34.03 -7.78 10.27
N LEU A 104 33.42 -8.74 9.58
CA LEU A 104 32.34 -9.53 10.14
C LEU A 104 32.64 -10.10 11.54
N VAL A 105 33.89 -10.51 11.78
CA VAL A 105 34.24 -11.12 13.07
C VAL A 105 34.75 -10.13 14.12
N SER A 106 34.70 -8.84 13.78
CA SER A 106 35.08 -7.79 14.71
C SER A 106 34.31 -7.96 16.02
N ILE A 107 35.00 -7.73 17.13
CA ILE A 107 34.40 -7.88 18.45
C ILE A 107 33.51 -6.67 18.74
N GLU A 108 33.51 -5.73 17.80
CA GLU A 108 32.71 -4.52 17.85
C GLU A 108 31.43 -4.74 17.02
N PRO A 109 30.29 -4.92 17.68
CA PRO A 109 29.05 -5.27 16.97
C PRO A 109 28.61 -4.29 15.87
N ARG A 110 28.99 -3.02 15.99
CA ARG A 110 28.63 -2.03 15.00
C ARG A 110 29.40 -2.22 13.71
N ILE A 111 30.65 -2.64 13.83
CA ILE A 111 31.49 -2.98 12.69
C ILE A 111 30.99 -4.27 12.05
N ALA A 112 30.77 -5.30 12.88
CA ALA A 112 30.29 -6.61 12.39
C ALA A 112 28.96 -6.49 11.65
N ASN A 113 28.25 -5.41 11.94
CA ASN A 113 26.92 -5.16 11.39
C ASN A 113 26.99 -4.55 10.01
N ALA A 114 27.81 -3.53 9.88
CA ALA A 114 28.00 -2.90 8.59
C ALA A 114 28.66 -3.88 7.62
N ALA A 115 29.66 -4.63 8.08
CA ALA A 115 30.22 -5.74 7.29
C ALA A 115 29.15 -6.72 6.84
N ALA A 116 28.20 -7.05 7.72
CA ALA A 116 27.09 -7.96 7.39
C ALA A 116 26.27 -7.47 6.21
N GLN A 117 25.95 -6.18 6.22
CA GLN A 117 25.21 -5.53 5.13
C GLN A 117 26.04 -5.51 3.84
N LEU A 118 27.34 -5.25 3.96
CA LEU A 118 28.22 -5.21 2.81
C LEU A 118 28.37 -6.61 2.16
N ILE A 119 28.62 -7.62 2.99
CA ILE A 119 28.68 -9.02 2.55
C ILE A 119 27.40 -9.44 1.80
N ALA A 120 26.24 -9.00 2.29
CA ALA A 120 24.95 -9.28 1.67
C ALA A 120 24.79 -8.62 0.31
N ALA A 121 25.25 -7.38 0.19
CA ALA A 121 25.27 -6.65 -1.09
C ALA A 121 26.22 -7.29 -2.14
N ILE A 122 27.39 -7.74 -1.71
CA ILE A 122 28.26 -8.45 -2.63
C ILE A 122 27.63 -9.80 -3.03
N ALA A 123 27.00 -10.47 -2.06
CA ALA A 123 26.31 -11.75 -2.32
C ALA A 123 25.16 -11.59 -3.31
N ASP A 124 24.41 -10.49 -3.17
CA ASP A 124 23.33 -10.13 -4.11
C ASP A 124 23.77 -10.25 -5.56
N ILE A 125 24.96 -9.72 -5.84
CA ILE A 125 25.52 -9.67 -7.18
C ILE A 125 26.09 -11.02 -7.58
N GLU A 126 26.88 -11.60 -6.69
CA GLU A 126 27.76 -12.72 -7.01
C GLU A 126 27.16 -14.12 -6.97
N LEU A 127 26.25 -14.37 -6.03
CA LEU A 127 25.65 -15.71 -5.86
C LEU A 127 24.86 -16.20 -7.08
N PRO A 128 24.08 -15.30 -7.74
CA PRO A 128 23.41 -15.67 -9.00
C PRO A 128 24.36 -16.16 -10.12
N HIS A 129 25.62 -15.78 -10.05
CA HIS A 129 26.61 -16.13 -11.08
C HIS A 129 27.54 -17.24 -10.64
N GLY A 130 27.43 -17.63 -9.37
CA GLY A 130 28.24 -18.72 -8.86
C GLY A 130 29.63 -18.25 -8.48
N ALA A 131 29.81 -16.93 -8.43
CA ALA A 131 30.99 -16.33 -7.84
C ALA A 131 30.75 -16.32 -6.34
N TRP A 132 31.81 -16.38 -5.54
CA TRP A 132 31.69 -16.67 -4.10
C TRP A 132 31.11 -18.05 -3.73
N PRO A 133 31.73 -19.14 -4.23
CA PRO A 133 31.39 -20.48 -3.72
C PRO A 133 31.73 -20.69 -2.23
N GLU A 134 32.78 -20.02 -1.74
CA GLU A 134 33.22 -20.15 -0.35
C GLU A 134 32.22 -19.62 0.70
N LEU A 135 31.30 -18.74 0.31
CA LEU A 135 30.49 -17.98 1.27
C LEU A 135 29.54 -18.80 2.15
N MET A 136 28.68 -19.62 1.55
CA MET A 136 27.73 -20.43 2.30
C MET A 136 28.41 -21.43 3.24
N LYS A 137 29.53 -21.96 2.79
CA LYS A 137 30.38 -22.83 3.59
C LYS A 137 30.98 -22.11 4.80
N ILE A 138 31.53 -20.91 4.57
CA ILE A 138 32.00 -20.03 5.66
C ILE A 138 30.89 -19.69 6.68
N MET A 139 29.65 -19.52 6.21
CA MET A 139 28.51 -19.24 7.10
C MET A 139 28.15 -20.42 8.01
N VAL A 140 28.25 -21.63 7.48
CA VAL A 140 28.09 -22.88 8.25
C VAL A 140 29.21 -23.03 9.29
N ASP A 141 30.44 -22.81 8.84
CA ASP A 141 31.62 -22.79 9.71
C ASP A 141 31.48 -21.81 10.86
N ASN A 142 31.06 -20.59 10.53
CA ASN A 142 30.98 -19.48 11.46
C ASN A 142 29.91 -19.61 12.54
N THR A 143 28.92 -20.47 12.30
CA THR A 143 27.81 -20.66 13.24
C THR A 143 27.98 -21.96 14.02
N GLY A 144 29.09 -22.65 13.76
CA GLY A 144 29.42 -23.92 14.39
C GLY A 144 29.62 -23.80 15.89
N ALA A 145 29.33 -24.89 16.59
CA ALA A 145 29.28 -24.97 18.06
C ALA A 145 30.43 -24.24 18.79
N GLU A 146 31.64 -24.48 18.31
CA GLU A 146 32.88 -23.99 18.91
C GLU A 146 33.22 -22.52 18.64
N GLN A 147 32.44 -21.84 17.80
CA GLN A 147 32.75 -20.47 17.39
C GLN A 147 32.44 -19.45 18.48
N PRO A 148 33.22 -18.35 18.56
CA PRO A 148 32.85 -17.28 19.47
C PRO A 148 31.40 -16.83 19.22
N GLU A 149 30.77 -16.30 20.26
CA GLU A 149 29.38 -15.85 20.20
C GLU A 149 29.17 -14.79 19.12
N ASN A 150 30.12 -13.85 19.00
CA ASN A 150 30.03 -12.75 18.05
C ASN A 150 30.07 -13.22 16.59
N VAL A 151 31.01 -14.12 16.29
CA VAL A 151 31.12 -14.77 14.99
C VAL A 151 29.78 -15.40 14.57
N LYS A 152 29.20 -16.21 15.47
CA LYS A 152 27.90 -16.83 15.24
C LYS A 152 26.80 -15.80 14.94
N ARG A 153 26.73 -14.75 15.77
CA ARG A 153 25.67 -13.76 15.71
C ARG A 153 25.71 -12.99 14.39
N ALA A 154 26.91 -12.50 14.04
CA ALA A 154 27.10 -11.62 12.91
C ALA A 154 26.88 -12.36 11.60
N SER A 155 27.24 -13.66 11.60
CA SER A 155 27.05 -14.50 10.42
C SER A 155 25.59 -14.79 10.14
N LEU A 156 24.82 -15.02 11.20
CA LEU A 156 23.36 -15.17 11.10
C LEU A 156 22.69 -13.91 10.60
N LEU A 157 23.21 -12.75 11.04
CA LEU A 157 22.74 -11.44 10.58
C LEU A 157 22.97 -11.27 9.10
N ALA A 158 24.13 -11.73 8.64
CA ALA A 158 24.53 -11.66 7.23
C ALA A 158 23.61 -12.50 6.36
N LEU A 159 23.39 -13.76 6.76
CA LEU A 159 22.40 -14.63 6.10
C LEU A 159 21.01 -14.00 6.11
N GLY A 160 20.58 -13.53 7.27
CA GLY A 160 19.38 -12.71 7.38
C GLY A 160 19.33 -11.66 6.29
N TYR A 161 20.31 -10.74 6.30
CA TYR A 161 20.41 -9.65 5.31
C TYR A 161 20.42 -10.12 3.86
N MET A 162 21.19 -11.17 3.58
CA MET A 162 21.20 -11.86 2.29
C MET A 162 19.79 -12.25 1.82
N CYS A 163 19.01 -12.86 2.70
CA CYS A 163 17.67 -13.32 2.35
C CYS A 163 16.71 -12.18 2.11
N GLU A 164 16.75 -11.16 2.97
CA GLU A 164 15.96 -9.94 2.77
C GLU A 164 16.20 -9.27 1.42
N SER A 165 17.46 -8.91 1.16
CA SER A 165 17.80 -8.11 -0.03
C SER A 165 17.66 -8.85 -1.36
N ALA A 166 17.80 -10.17 -1.35
CA ALA A 166 17.59 -10.99 -2.54
C ALA A 166 16.18 -10.85 -3.12
N ASP A 167 16.11 -10.84 -4.45
CA ASP A 167 14.84 -10.93 -5.17
C ASP A 167 14.07 -12.15 -4.65
N PRO A 168 12.78 -11.97 -4.28
CA PRO A 168 11.98 -13.04 -3.68
C PRO A 168 11.76 -14.26 -4.58
N GLN A 169 12.00 -14.10 -5.87
CA GLN A 169 11.81 -15.17 -6.84
C GLN A 169 13.16 -15.71 -7.36
N SER A 170 14.25 -15.30 -6.71
CA SER A 170 15.60 -15.65 -7.16
C SER A 170 15.94 -17.13 -6.87
N GLN A 171 16.86 -17.67 -7.67
CA GLN A 171 17.22 -19.08 -7.61
C GLN A 171 18.53 -19.37 -6.89
N ALA A 172 19.32 -18.33 -6.62
CA ALA A 172 20.62 -18.50 -5.98
C ALA A 172 20.48 -18.99 -4.54
N LEU A 173 19.70 -18.28 -3.75
CA LEU A 173 19.49 -18.65 -2.36
C LEU A 173 18.72 -19.95 -2.24
N VAL A 174 17.91 -20.26 -3.24
CA VAL A 174 17.21 -21.55 -3.32
C VAL A 174 18.19 -22.71 -3.51
N SER A 175 19.14 -22.54 -4.43
CA SER A 175 20.12 -23.60 -4.70
C SER A 175 21.08 -23.85 -3.53
N SER A 176 21.32 -22.85 -2.68
CA SER A 176 22.12 -23.07 -1.47
C SER A 176 21.30 -23.00 -0.17
N SER A 177 20.06 -23.45 -0.24
CA SER A 177 19.14 -23.44 0.91
C SER A 177 19.51 -24.42 2.03
N ASN A 178 20.24 -25.50 1.70
CA ASN A 178 20.69 -26.48 2.69
C ASN A 178 21.66 -25.87 3.71
N ASN A 179 22.62 -25.12 3.18
CA ASN A 179 23.67 -24.48 3.98
C ASN A 179 23.16 -23.26 4.76
N ILE A 180 22.21 -22.53 4.15
CA ILE A 180 21.42 -21.48 4.83
C ILE A 180 20.69 -22.05 6.04
N LEU A 181 19.98 -23.17 5.85
CA LEU A 181 19.31 -23.86 6.96
C LEU A 181 20.25 -24.50 7.98
N ILE A 182 21.36 -25.08 7.53
CA ILE A 182 22.29 -25.68 8.47
C ILE A 182 22.79 -24.60 9.44
N ALA A 183 23.19 -23.46 8.91
CA ALA A 183 23.73 -22.37 9.70
C ALA A 183 22.69 -21.82 10.66
N ILE A 184 21.47 -21.65 10.16
CA ILE A 184 20.35 -21.10 10.93
C ILE A 184 19.94 -22.06 12.05
N VAL A 185 19.84 -23.35 11.73
CA VAL A 185 19.51 -24.35 12.73
C VAL A 185 20.64 -24.56 13.76
N GLN A 186 21.89 -24.29 13.37
CA GLN A 186 23.01 -24.35 14.30
C GLN A 186 22.93 -23.29 15.41
N GLY A 187 22.41 -22.11 15.07
CA GLY A 187 22.23 -21.03 16.03
C GLY A 187 20.93 -21.07 16.81
N ALA A 188 19.89 -21.65 16.22
CA ALA A 188 18.55 -21.66 16.83
C ALA A 188 18.31 -22.81 17.82
N GLN A 189 19.18 -23.82 17.81
CA GLN A 189 19.02 -25.00 18.68
C GLN A 189 19.22 -24.68 20.16
N SER A 190 18.56 -25.45 21.03
CA SER A 190 18.58 -25.20 22.49
C SER A 190 19.96 -25.39 23.11
N THR A 191 20.84 -26.11 22.41
CA THR A 191 22.22 -26.30 22.82
C THR A 191 23.04 -25.00 22.83
N GLU A 192 22.47 -23.92 22.26
CA GLU A 192 23.11 -22.60 22.17
C GLU A 192 22.92 -21.69 23.39
N THR A 193 24.05 -21.39 24.04
CA THR A 193 24.17 -20.52 25.22
C THR A 193 23.64 -19.10 25.06
N SER A 194 23.78 -18.53 23.87
CA SER A 194 23.48 -17.11 23.69
C SER A 194 22.06 -16.82 23.23
N LYS A 195 21.38 -15.93 23.95
CA LYS A 195 20.08 -15.45 23.53
C LYS A 195 20.19 -14.59 22.26
N ALA A 196 21.33 -13.90 22.13
CA ALA A 196 21.61 -13.04 20.97
C ALA A 196 21.80 -13.86 19.69
N VAL A 197 22.44 -15.03 19.81
CA VAL A 197 22.65 -15.92 18.67
C VAL A 197 21.35 -16.59 18.25
N ARG A 198 20.58 -17.08 19.22
CA ARG A 198 19.26 -17.66 18.96
C ARG A 198 18.30 -16.68 18.28
N LEU A 199 18.20 -15.47 18.81
CA LEU A 199 17.38 -14.40 18.22
C LEU A 199 17.78 -14.10 16.78
N ALA A 200 19.08 -13.93 16.56
CA ALA A 200 19.63 -13.73 15.21
C ALA A 200 19.31 -14.91 14.30
N ALA A 201 19.45 -16.13 14.81
CA ALA A 201 19.12 -17.33 14.04
C ALA A 201 17.64 -17.44 13.67
N LEU A 202 16.76 -17.06 14.59
CA LEU A 202 15.32 -17.16 14.33
C LEU A 202 14.86 -16.02 13.42
N ASN A 203 15.41 -14.84 13.64
CA ASN A 203 15.21 -13.71 12.74
C ASN A 203 15.69 -14.01 11.32
N ALA A 204 16.87 -14.63 11.20
CA ALA A 204 17.36 -15.08 9.89
C ALA A 204 16.45 -16.13 9.27
N LEU A 205 15.92 -17.03 10.11
CA LEU A 205 15.02 -18.10 9.65
C LEU A 205 13.78 -17.55 8.98
N ALA A 206 13.10 -16.60 9.65
CA ALA A 206 11.96 -15.90 9.07
C ALA A 206 12.29 -15.31 7.70
N ASP A 207 13.47 -14.74 7.57
CA ASP A 207 13.89 -14.10 6.32
C ASP A 207 14.17 -15.12 5.21
N SER A 208 14.50 -16.34 5.62
CA SER A 208 14.91 -17.37 4.68
C SER A 208 13.77 -18.23 4.13
N LEU A 209 12.63 -18.19 4.78
CA LEU A 209 11.56 -19.18 4.58
C LEU A 209 11.12 -19.44 3.14
N ILE A 210 11.10 -18.38 2.34
CA ILE A 210 10.74 -18.45 0.92
C ILE A 210 11.75 -19.24 0.11
N PHE A 211 13.01 -19.21 0.54
CA PHE A 211 14.10 -19.82 -0.22
C PHE A 211 14.34 -21.28 0.18
N ILE A 212 13.71 -21.71 1.28
CA ILE A 212 13.89 -23.08 1.81
C ILE A 212 12.73 -24.06 1.50
N LYS A 213 11.99 -23.80 0.43
CA LYS A 213 10.83 -24.63 0.05
C LYS A 213 11.19 -26.08 -0.30
N ASN A 214 12.40 -26.30 -0.81
CA ASN A 214 12.89 -27.64 -1.16
C ASN A 214 13.18 -28.52 0.06
N ASN A 215 13.68 -27.89 1.13
CA ASN A 215 13.88 -28.59 2.41
C ASN A 215 12.54 -28.86 3.08
N MET A 216 11.59 -27.94 2.93
CA MET A 216 10.24 -28.09 3.50
C MET A 216 9.42 -29.19 2.84
N GLU A 217 9.75 -29.52 1.59
CA GLU A 217 9.12 -30.63 0.87
C GLU A 217 9.60 -32.01 1.34
N ARG A 218 10.70 -32.04 2.10
CA ARG A 218 11.25 -33.28 2.64
C ARG A 218 10.82 -33.47 4.10
N GLU A 219 10.06 -34.52 4.36
CA GLU A 219 9.49 -34.79 5.68
C GLU A 219 10.51 -34.70 6.83
N GLY A 220 11.67 -35.35 6.68
CA GLY A 220 12.70 -35.38 7.72
C GLY A 220 13.28 -34.01 8.07
N GLU A 221 13.52 -33.20 7.04
CA GLU A 221 14.06 -31.87 7.25
C GLU A 221 12.99 -30.94 7.80
N ARG A 222 11.75 -31.11 7.35
CA ARG A 222 10.63 -30.31 7.84
C ARG A 222 10.30 -30.63 9.29
N ASN A 223 10.29 -31.92 9.63
CA ASN A 223 10.08 -32.37 11.01
C ASN A 223 11.11 -31.77 11.95
N TYR A 224 12.39 -31.82 11.54
CA TYR A 224 13.50 -31.32 12.34
C TYR A 224 13.42 -29.80 12.56
N LEU A 225 13.18 -29.02 11.49
CA LEU A 225 13.02 -27.58 11.64
C LEU A 225 11.88 -27.24 12.59
N MET A 226 10.72 -27.90 12.43
CA MET A 226 9.56 -27.63 13.28
C MET A 226 9.81 -27.92 14.75
N GLN A 227 10.52 -29.02 15.00
CA GLN A 227 11.02 -29.43 16.31
C GLN A 227 11.91 -28.36 16.96
N VAL A 228 12.81 -27.78 16.16
CA VAL A 228 13.72 -26.73 16.60
C VAL A 228 12.97 -25.44 16.98
N VAL A 229 12.01 -25.04 16.15
CA VAL A 229 11.25 -23.82 16.36
C VAL A 229 10.34 -23.97 17.60
N CYS A 230 9.69 -25.13 17.73
CA CYS A 230 8.88 -25.44 18.90
C CYS A 230 9.67 -25.46 20.20
N GLU A 231 10.85 -26.05 20.17
CA GLU A 231 11.74 -26.07 21.34
C GLU A 231 12.11 -24.66 21.74
N ALA A 232 12.32 -23.80 20.75
CA ALA A 232 12.67 -22.39 20.96
C ALA A 232 11.56 -21.57 21.66
N THR A 233 10.30 -21.96 21.48
CA THR A 233 9.20 -21.30 22.21
C THR A 233 9.30 -21.57 23.72
N GLN A 234 9.98 -22.68 24.07
CA GLN A 234 10.22 -23.11 25.45
C GLN A 234 11.48 -22.48 26.07
N ALA A 235 12.00 -21.42 25.44
CA ALA A 235 13.19 -20.77 25.96
C ALA A 235 12.84 -19.81 27.11
N GLU A 236 13.78 -19.63 28.02
CA GLU A 236 13.59 -18.72 29.15
C GLU A 236 13.56 -17.26 28.71
N ASP A 237 14.40 -16.89 27.74
CA ASP A 237 14.36 -15.51 27.24
C ASP A 237 13.08 -15.29 26.46
N ILE A 238 12.36 -14.25 26.85
CA ILE A 238 11.05 -13.98 26.31
C ILE A 238 11.07 -13.37 24.89
N GLU A 239 12.18 -12.74 24.52
CA GLU A 239 12.42 -12.32 23.15
C GLU A 239 12.63 -13.49 22.18
N VAL A 240 13.22 -14.58 22.67
CA VAL A 240 13.42 -15.78 21.87
C VAL A 240 12.09 -16.48 21.67
N GLN A 241 11.27 -16.50 22.72
CA GLN A 241 9.92 -17.02 22.65
C GLN A 241 9.07 -16.37 21.55
N ALA A 242 9.03 -15.04 21.53
CA ALA A 242 8.24 -14.30 20.54
C ALA A 242 8.73 -14.55 19.11
N ALA A 243 10.05 -14.56 18.94
CA ALA A 243 10.68 -14.82 17.65
C ALA A 243 10.36 -16.22 17.12
N ALA A 244 10.36 -17.21 18.01
CA ALA A 244 9.97 -18.56 17.64
C ALA A 244 8.50 -18.62 17.21
N PHE A 245 7.61 -17.94 17.95
CA PHE A 245 6.20 -17.87 17.56
C PHE A 245 6.06 -17.11 16.26
N GLY A 246 6.88 -16.07 16.09
CA GLY A 246 7.02 -15.37 14.81
C GLY A 246 7.37 -16.25 13.64
N CYS A 247 8.30 -17.20 13.83
CA CYS A 247 8.64 -18.16 12.79
C CYS A 247 7.49 -19.11 12.50
N LEU A 248 6.77 -19.52 13.55
CA LEU A 248 5.61 -20.41 13.41
C LEU A 248 4.52 -19.74 12.59
N CYS A 249 4.31 -18.44 12.83
CA CYS A 249 3.39 -17.63 12.04
C CYS A 249 3.76 -17.62 10.57
N LYS A 250 4.98 -17.19 10.27
CA LYS A 250 5.48 -17.16 8.89
C LYS A 250 5.45 -18.53 8.21
N ILE A 251 5.84 -19.57 8.93
CA ILE A 251 5.78 -20.94 8.42
C ILE A 251 4.34 -21.35 8.09
N MET A 252 3.41 -21.09 8.99
CA MET A 252 1.99 -21.32 8.71
C MET A 252 1.56 -20.53 7.47
N SER A 253 2.04 -19.30 7.38
CA SER A 253 1.67 -18.39 6.30
C SER A 253 2.08 -18.89 4.91
N LEU A 254 3.26 -19.52 4.84
CA LEU A 254 3.86 -19.96 3.58
C LEU A 254 3.76 -21.47 3.35
N TYR A 255 3.62 -22.22 4.45
CA TYR A 255 3.57 -23.69 4.39
C TYR A 255 2.35 -24.29 5.10
N TYR A 256 1.20 -23.63 4.96
CA TYR A 256 -0.08 -24.13 5.47
C TYR A 256 -0.32 -25.61 5.17
N THR A 257 0.11 -26.05 3.99
CA THR A 257 -0.22 -27.38 3.47
C THR A 257 0.45 -28.54 4.23
N PHE A 258 1.48 -28.22 5.01
CA PHE A 258 2.24 -29.23 5.73
C PHE A 258 1.98 -29.17 7.24
N MET A 259 1.01 -28.36 7.65
CA MET A 259 0.86 -28.01 9.06
C MET A 259 -0.07 -28.90 9.89
N LYS A 260 -0.84 -29.76 9.23
CA LYS A 260 -1.80 -30.61 9.95
C LYS A 260 -1.14 -31.51 11.02
N PRO A 261 -0.14 -32.32 10.64
CA PRO A 261 0.57 -33.15 11.65
C PRO A 261 1.15 -32.37 12.84
N TYR A 262 1.71 -31.19 12.59
CA TYR A 262 2.36 -30.34 13.61
C TYR A 262 1.35 -29.68 14.52
N MET A 263 0.18 -29.38 13.97
CA MET A 263 -0.94 -28.89 14.75
C MET A 263 -1.45 -29.98 15.68
N GLU A 264 -1.57 -31.20 15.16
CA GLU A 264 -2.08 -32.34 15.91
C GLU A 264 -1.12 -32.80 17.01
N GLN A 265 0.16 -32.88 16.70
CA GLN A 265 1.12 -33.36 17.69
C GLN A 265 1.48 -32.32 18.76
N ALA A 266 1.59 -31.05 18.39
CA ALA A 266 2.15 -30.05 19.31
C ALA A 266 1.58 -28.63 19.25
N LEU A 267 1.28 -28.14 18.05
CA LEU A 267 1.09 -26.69 17.85
C LEU A 267 -0.23 -26.14 18.32
N TYR A 268 -1.30 -26.92 18.14
CA TYR A 268 -2.64 -26.52 18.55
C TYR A 268 -2.65 -26.21 20.05
N ALA A 269 -2.17 -27.16 20.84
CA ALA A 269 -2.17 -27.05 22.29
C ALA A 269 -1.20 -26.00 22.79
N LEU A 270 -0.02 -25.93 22.18
CA LEU A 270 1.03 -24.98 22.53
C LEU A 270 0.55 -23.54 22.36
N THR A 271 0.11 -23.21 21.14
CA THR A 271 -0.28 -21.84 20.82
C THR A 271 -1.50 -21.36 21.61
N ILE A 272 -2.41 -22.28 21.91
CA ILE A 272 -3.62 -21.95 22.66
C ILE A 272 -3.33 -21.78 24.16
N ALA A 273 -2.35 -22.52 24.67
CA ALA A 273 -1.97 -22.41 26.09
C ALA A 273 -1.22 -21.11 26.40
N THR A 274 -0.27 -20.74 25.53
CA THR A 274 0.52 -19.51 25.74
C THR A 274 -0.20 -18.22 25.31
N MET A 275 -1.42 -18.39 24.79
CA MET A 275 -2.37 -17.30 24.65
C MET A 275 -2.63 -16.67 26.02
N LYS A 276 -2.51 -17.48 27.07
CA LYS A 276 -2.63 -17.02 28.46
C LYS A 276 -1.30 -16.47 29.02
N SER A 277 -0.27 -16.33 28.18
CA SER A 277 1.03 -15.84 28.65
C SER A 277 0.93 -14.44 29.26
N PRO A 278 1.63 -14.21 30.39
CA PRO A 278 1.66 -12.87 30.99
C PRO A 278 2.44 -11.87 30.16
N ASN A 279 3.25 -12.35 29.21
CA ASN A 279 3.99 -11.46 28.32
C ASN A 279 3.21 -11.06 27.07
N ASP A 280 2.78 -9.79 27.08
CA ASP A 280 1.99 -9.18 26.02
C ASP A 280 2.48 -9.58 24.63
N LYS A 281 3.76 -9.38 24.36
CA LYS A 281 4.27 -9.69 23.03
C LYS A 281 4.25 -11.16 22.65
N VAL A 282 4.47 -12.06 23.61
CA VAL A 282 4.39 -13.51 23.34
C VAL A 282 2.93 -13.93 23.13
N ALA A 283 2.04 -13.45 24.01
CA ALA A 283 0.59 -13.65 23.85
C ALA A 283 0.08 -13.08 22.51
N SER A 284 0.65 -11.95 22.06
CA SER A 284 0.35 -11.33 20.77
C SER A 284 0.74 -12.18 19.57
N MET A 285 1.91 -12.82 19.67
CA MET A 285 2.44 -13.66 18.60
C MET A 285 1.61 -14.94 18.36
N THR A 286 1.12 -15.55 19.43
CA THR A 286 0.21 -16.70 19.34
C THR A 286 -1.16 -16.33 18.74
N VAL A 287 -1.62 -15.13 19.07
CA VAL A 287 -2.85 -14.58 18.50
C VAL A 287 -2.66 -14.31 17.00
N GLU A 288 -1.48 -13.81 16.64
CA GLU A 288 -1.15 -13.57 15.24
C GLU A 288 -1.04 -14.90 14.47
N PHE A 289 -0.56 -15.94 15.13
CA PHE A 289 -0.53 -17.30 14.57
C PHE A 289 -1.92 -17.72 14.10
N TRP A 290 -2.93 -17.46 14.92
CA TRP A 290 -4.31 -17.84 14.59
C TRP A 290 -4.96 -16.89 13.59
N SER A 291 -4.61 -15.61 13.68
CA SER A 291 -4.93 -14.63 12.63
C SER A 291 -4.44 -15.10 11.27
N THR A 292 -3.20 -15.61 11.21
CA THR A 292 -2.62 -16.17 9.97
C THR A 292 -3.39 -17.38 9.46
N ILE A 293 -3.75 -18.30 10.36
CA ILE A 293 -4.57 -19.46 10.01
C ILE A 293 -5.87 -19.00 9.34
N CYS A 294 -6.53 -18.02 9.94
CA CYS A 294 -7.80 -17.52 9.41
C CYS A 294 -7.63 -16.93 8.02
N GLU A 295 -6.65 -16.04 7.87
CA GLU A 295 -6.24 -15.47 6.59
C GLU A 295 -5.99 -16.53 5.50
N GLU A 296 -5.18 -17.54 5.81
CA GLU A 296 -4.95 -18.65 4.89
C GLU A 296 -6.24 -19.35 4.47
N GLU A 297 -7.06 -19.70 5.47
CA GLU A 297 -8.32 -20.38 5.25
C GLU A 297 -9.35 -19.53 4.50
N ILE A 298 -9.37 -18.23 4.77
CA ILE A 298 -10.22 -17.28 4.02
C ILE A 298 -9.83 -17.22 2.53
N ASP A 299 -8.52 -17.21 2.26
CA ASP A 299 -7.98 -17.20 0.88
C ASP A 299 -8.30 -18.49 0.12
N ILE A 300 -8.15 -19.63 0.81
CA ILE A 300 -8.51 -20.94 0.25
C ILE A 300 -10.00 -20.99 -0.13
N ALA A 301 -10.87 -20.55 0.78
CA ALA A 301 -12.31 -20.49 0.50
C ALA A 301 -12.64 -19.61 -0.71
N TYR A 302 -11.82 -18.57 -0.93
CA TYR A 302 -11.97 -17.68 -2.07
C TYR A 302 -11.41 -18.30 -3.36
N GLU A 303 -10.44 -19.21 -3.22
CA GLU A 303 -9.86 -19.90 -4.37
C GLU A 303 -10.77 -21.02 -4.90
N LEU A 304 -11.55 -21.61 -4.00
CA LEU A 304 -12.52 -22.64 -4.38
C LEU A 304 -13.81 -22.03 -4.94
N ALA A 305 -13.83 -20.71 -5.03
CA ALA A 305 -14.96 -19.97 -5.58
C ALA A 305 -14.59 -19.26 -6.88
N GLN A 306 -13.31 -18.88 -7.01
CA GLN A 306 -12.78 -18.28 -8.23
C GLN A 306 -12.43 -19.35 -9.26
N PHE A 307 -11.70 -20.37 -8.82
CA PHE A 307 -11.34 -21.51 -9.64
C PHE A 307 -11.85 -22.78 -8.94
N PRO A 308 -13.16 -23.07 -9.05
CA PRO A 308 -13.84 -24.12 -8.24
C PRO A 308 -13.18 -25.50 -8.27
N GLN A 309 -12.33 -25.75 -9.26
CA GLN A 309 -11.63 -27.04 -9.38
C GLN A 309 -10.34 -27.12 -8.55
N SER A 310 -9.88 -25.98 -8.03
CA SER A 310 -8.49 -25.75 -7.56
C SER A 310 -7.84 -26.85 -6.67
N PRO A 311 -6.49 -27.00 -6.79
CA PRO A 311 -5.71 -27.96 -5.99
C PRO A 311 -5.83 -27.79 -4.46
N LEU A 312 -5.62 -26.57 -3.95
CA LEU A 312 -5.53 -26.32 -2.51
C LEU A 312 -6.81 -26.65 -1.71
N GLN A 313 -6.70 -26.62 -0.38
CA GLN A 313 -7.64 -27.31 0.49
C GLN A 313 -7.46 -26.86 1.93
N SER A 314 -8.55 -26.42 2.56
CA SER A 314 -8.53 -26.01 3.96
C SER A 314 -8.54 -27.22 4.88
N TYR A 315 -7.97 -27.07 6.07
CA TYR A 315 -7.99 -28.10 7.11
C TYR A 315 -8.96 -27.71 8.22
N ASN A 316 -9.60 -26.54 8.05
CA ASN A 316 -10.49 -25.96 9.03
C ASN A 316 -9.93 -26.02 10.46
N PHE A 317 -8.73 -25.49 10.65
CA PHE A 317 -8.14 -25.36 11.98
C PHE A 317 -8.94 -24.39 12.86
N ALA A 318 -9.23 -23.20 12.32
CA ALA A 318 -9.93 -22.16 13.07
C ALA A 318 -11.28 -22.68 13.54
N LEU A 319 -12.04 -23.22 12.59
CA LEU A 319 -13.36 -23.80 12.86
C LEU A 319 -13.36 -24.90 13.93
N SER A 320 -12.32 -25.73 13.95
CA SER A 320 -12.19 -26.82 14.94
C SER A 320 -11.83 -26.30 16.34
N SER A 321 -11.25 -25.10 16.37
CA SER A 321 -10.57 -24.60 17.56
C SER A 321 -11.40 -23.55 18.31
N ILE A 322 -12.56 -23.20 17.76
CA ILE A 322 -13.39 -22.11 18.28
C ILE A 322 -13.66 -22.23 19.76
N LYS A 323 -13.79 -23.47 20.23
CA LYS A 323 -14.16 -23.75 21.61
C LYS A 323 -13.03 -23.44 22.58
N ASP A 324 -11.80 -23.52 22.07
CA ASP A 324 -10.60 -23.23 22.84
C ASP A 324 -10.03 -21.82 22.56
N VAL A 325 -10.00 -21.42 21.29
CA VAL A 325 -9.34 -20.16 20.90
C VAL A 325 -10.18 -18.93 21.23
N VAL A 326 -11.45 -18.95 20.86
CA VAL A 326 -12.30 -17.78 20.99
C VAL A 326 -12.45 -17.28 22.42
N PRO A 327 -12.74 -18.19 23.40
CA PRO A 327 -12.78 -17.71 24.78
C PRO A 327 -11.48 -17.07 25.26
N ASN A 328 -10.34 -17.57 24.76
CA ASN A 328 -9.03 -16.94 25.02
C ASN A 328 -8.89 -15.57 24.34
N LEU A 329 -9.41 -15.44 23.11
CA LEU A 329 -9.48 -14.12 22.45
C LEU A 329 -10.34 -13.13 23.24
N LEU A 330 -11.46 -13.60 23.77
CA LEU A 330 -12.39 -12.74 24.51
C LEU A 330 -11.78 -12.19 25.80
N ASN A 331 -11.10 -13.04 26.56
CA ASN A 331 -10.40 -12.62 27.77
C ASN A 331 -9.26 -11.64 27.50
N LEU A 332 -8.61 -11.77 26.35
CA LEU A 332 -7.49 -10.89 26.01
C LEU A 332 -7.93 -9.47 25.69
N LEU A 333 -9.17 -9.33 25.19
CA LEU A 333 -9.77 -8.02 24.92
C LEU A 333 -9.73 -7.10 26.16
N THR A 334 -9.64 -7.69 27.34
CA THR A 334 -9.62 -6.94 28.62
C THR A 334 -8.22 -6.48 29.03
N ARG A 335 -7.26 -6.58 28.12
CA ARG A 335 -5.88 -6.12 28.34
C ARG A 335 -5.55 -4.78 27.65
N GLN A 336 -6.50 -3.86 27.64
CA GLN A 336 -6.31 -2.52 27.06
C GLN A 336 -5.27 -1.74 27.86
N ASN A 337 -4.65 -0.76 27.22
CA ASN A 337 -3.75 0.18 27.90
C ASN A 337 -4.52 0.98 28.95
N GLU A 338 -3.89 1.24 30.09
CA GLU A 338 -4.53 2.04 31.15
C GLU A 338 -4.78 3.49 30.69
N ASP A 339 -3.80 4.06 30.00
CA ASP A 339 -3.88 5.39 29.45
C ASP A 339 -4.80 5.38 28.22
N PRO A 340 -5.93 6.12 28.29
CA PRO A 340 -6.87 6.18 27.16
C PRO A 340 -6.31 6.89 25.92
N GLU A 341 -5.13 7.52 26.06
CA GLU A 341 -4.51 8.26 24.96
C GLU A 341 -3.20 7.61 24.47
N ASP A 342 -3.02 6.33 24.78
CA ASP A 342 -1.75 5.62 24.59
C ASP A 342 -1.56 5.02 23.20
N ASP A 343 -2.64 4.57 22.57
CA ASP A 343 -2.64 4.15 21.16
C ASP A 343 -1.73 2.99 20.75
N ASP A 344 -0.61 2.81 21.44
CA ASP A 344 0.37 1.80 21.08
C ASP A 344 -0.23 0.41 21.11
N TRP A 345 0.13 -0.38 20.10
CA TRP A 345 -0.42 -1.72 19.89
C TRP A 345 -0.10 -2.68 21.03
N ASN A 346 -1.07 -3.54 21.33
CA ASN A 346 -0.94 -4.54 22.38
C ASN A 346 -1.88 -5.71 22.08
N VAL A 347 -1.72 -6.78 22.84
CA VAL A 347 -2.47 -8.03 22.67
C VAL A 347 -4.00 -7.87 22.55
N SER A 348 -4.57 -6.93 23.30
CA SER A 348 -6.02 -6.69 23.23
C SER A 348 -6.46 -6.27 21.82
N MET A 349 -5.59 -5.57 21.10
CA MET A 349 -5.82 -5.15 19.71
C MET A 349 -5.62 -6.32 18.74
N SER A 350 -4.62 -7.16 19.04
CA SER A 350 -4.36 -8.42 18.32
C SER A 350 -5.58 -9.31 18.40
N ALA A 351 -6.13 -9.44 19.61
CA ALA A 351 -7.29 -10.29 19.88
C ALA A 351 -8.52 -9.83 19.11
N GLY A 352 -8.81 -8.53 19.20
CA GLY A 352 -9.92 -7.93 18.45
C GLY A 352 -9.84 -8.25 16.97
N ALA A 353 -8.64 -8.06 16.40
CA ALA A 353 -8.34 -8.36 14.99
C ALA A 353 -8.47 -9.83 14.61
N CYS A 354 -8.01 -10.72 15.50
CA CYS A 354 -8.12 -12.16 15.28
C CYS A 354 -9.58 -12.61 15.35
N LEU A 355 -10.32 -12.01 16.26
CA LEU A 355 -11.72 -12.32 16.43
C LEU A 355 -12.54 -11.95 15.20
N GLN A 356 -12.22 -10.81 14.59
CA GLN A 356 -12.82 -10.36 13.33
C GLN A 356 -12.55 -11.33 12.21
N LEU A 357 -11.32 -11.85 12.17
CA LEU A 357 -10.90 -12.84 11.19
C LEU A 357 -11.63 -14.18 11.37
N PHE A 358 -11.83 -14.58 12.62
CA PHE A 358 -12.62 -15.76 12.98
C PHE A 358 -14.08 -15.63 12.55
N ALA A 359 -14.67 -14.44 12.71
CA ALA A 359 -16.04 -14.19 12.29
C ALA A 359 -16.21 -14.30 10.77
N GLN A 360 -15.18 -13.87 10.04
CA GLN A 360 -15.20 -13.88 8.57
C GLN A 360 -15.01 -15.27 8.02
N ASN A 361 -14.15 -16.04 8.68
CA ASN A 361 -13.84 -17.42 8.31
C ASN A 361 -14.94 -18.39 8.75
N CYS A 362 -15.40 -18.25 9.99
CA CYS A 362 -16.24 -19.26 10.63
C CYS A 362 -17.74 -18.93 10.65
N GLY A 363 -18.10 -17.66 10.44
CA GLY A 363 -19.47 -17.27 10.20
C GLY A 363 -20.37 -17.36 11.42
N ASN A 364 -21.50 -18.04 11.27
CA ASN A 364 -22.48 -18.20 12.35
C ASN A 364 -21.93 -18.97 13.55
N HIS A 365 -20.84 -19.72 13.33
CA HIS A 365 -20.20 -20.50 14.39
C HIS A 365 -19.58 -19.65 15.50
N ILE A 366 -19.35 -18.38 15.20
CA ILE A 366 -18.73 -17.45 16.14
C ILE A 366 -19.77 -16.84 17.08
N LEU A 367 -21.04 -16.94 16.70
CA LEU A 367 -22.09 -16.19 17.36
C LEU A 367 -22.24 -16.51 18.84
N GLU A 368 -22.39 -17.80 19.14
CA GLU A 368 -22.73 -18.26 20.48
C GLU A 368 -21.76 -17.77 21.56
N PRO A 369 -20.45 -18.07 21.44
CA PRO A 369 -19.50 -17.59 22.46
C PRO A 369 -19.39 -16.07 22.59
N VAL A 370 -19.47 -15.34 21.47
CA VAL A 370 -19.31 -13.89 21.51
C VAL A 370 -20.53 -13.20 22.10
N LEU A 371 -21.73 -13.60 21.67
CA LEU A 371 -22.95 -12.95 22.16
C LEU A 371 -23.12 -13.16 23.66
N GLU A 372 -22.80 -14.36 24.11
CA GLU A 372 -22.68 -14.69 25.52
C GLU A 372 -21.80 -13.70 26.28
N PHE A 373 -20.55 -13.56 25.82
CA PHE A 373 -19.59 -12.62 26.38
C PHE A 373 -20.08 -11.18 26.34
N VAL A 374 -20.72 -10.79 25.24
CA VAL A 374 -21.30 -9.43 25.10
C VAL A 374 -22.38 -9.17 26.16
N GLU A 375 -23.33 -10.10 26.29
CA GLU A 375 -24.39 -9.97 27.30
C GLU A 375 -23.81 -9.96 28.72
N GLN A 376 -22.83 -10.83 28.96
CA GLN A 376 -22.17 -10.94 30.25
C GLN A 376 -21.46 -9.64 30.66
N ASN A 377 -20.98 -8.87 29.68
CA ASN A 377 -20.04 -7.80 29.96
C ASN A 377 -20.44 -6.37 29.57
N ILE A 378 -21.52 -6.21 28.83
CA ILE A 378 -21.88 -4.88 28.35
C ILE A 378 -22.36 -3.94 29.47
N THR A 379 -22.92 -4.52 30.54
CA THR A 379 -23.40 -3.77 31.72
C THR A 379 -22.50 -3.99 32.94
N ALA A 380 -21.32 -4.55 32.72
CA ALA A 380 -20.34 -4.82 33.78
C ALA A 380 -19.86 -3.54 34.47
N ASP A 381 -19.28 -3.68 35.65
CA ASP A 381 -18.83 -2.52 36.41
C ASP A 381 -17.43 -2.06 36.02
N ASN A 382 -16.65 -2.97 35.44
CA ASN A 382 -15.32 -2.62 34.96
C ASN A 382 -15.39 -2.07 33.54
N TRP A 383 -14.75 -0.92 33.30
CA TRP A 383 -14.69 -0.31 31.97
C TRP A 383 -14.06 -1.25 30.96
N ARG A 384 -13.05 -2.02 31.41
CA ARG A 384 -12.32 -2.98 30.59
C ARG A 384 -13.26 -4.04 30.03
N ASN A 385 -14.28 -4.39 30.81
CA ASN A 385 -15.26 -5.37 30.39
C ASN A 385 -16.31 -4.80 29.47
N ARG A 386 -16.75 -3.58 29.75
CA ARG A 386 -17.74 -2.93 28.91
C ARG A 386 -17.18 -2.59 27.54
N GLU A 387 -15.91 -2.17 27.48
CA GLU A 387 -15.26 -1.87 26.19
C GLU A 387 -15.01 -3.15 25.40
N ALA A 388 -14.57 -4.20 26.11
CA ALA A 388 -14.38 -5.53 25.52
C ALA A 388 -15.67 -6.08 24.89
N ALA A 389 -16.81 -5.89 25.56
CA ALA A 389 -18.12 -6.28 25.02
C ALA A 389 -18.49 -5.56 23.70
N VAL A 390 -18.15 -4.28 23.59
CA VAL A 390 -18.47 -3.53 22.37
C VAL A 390 -17.49 -3.89 21.25
N MET A 391 -16.22 -4.03 21.60
CA MET A 391 -15.22 -4.55 20.67
C MET A 391 -15.67 -5.90 20.09
N ALA A 392 -15.97 -6.85 20.97
CA ALA A 392 -16.43 -8.18 20.55
C ALA A 392 -17.63 -8.11 19.62
N PHE A 393 -18.63 -7.30 19.98
CA PHE A 393 -19.83 -7.14 19.16
C PHE A 393 -19.57 -6.51 17.80
N GLY A 394 -18.76 -5.46 17.76
CA GLY A 394 -18.37 -4.86 16.48
C GLY A 394 -17.56 -5.81 15.62
N SER A 395 -16.78 -6.68 16.25
CA SER A 395 -15.93 -7.66 15.55
C SER A 395 -16.69 -8.76 14.79
N ILE A 396 -17.96 -8.97 15.12
CA ILE A 396 -18.73 -10.05 14.49
C ILE A 396 -19.76 -9.55 13.48
N MET A 397 -19.61 -8.30 13.05
CA MET A 397 -20.56 -7.66 12.15
C MET A 397 -20.35 -7.99 10.68
N ASP A 398 -19.28 -8.73 10.42
CA ASP A 398 -18.93 -9.20 9.08
C ASP A 398 -18.61 -10.69 9.21
N GLY A 399 -19.32 -11.54 8.47
CA GLY A 399 -19.09 -13.00 8.56
C GLY A 399 -20.36 -13.84 8.74
N PRO A 400 -21.00 -13.76 9.92
CA PRO A 400 -22.31 -14.41 10.15
C PRO A 400 -23.33 -13.98 9.10
N ASP A 401 -24.38 -14.80 8.92
CA ASP A 401 -25.39 -14.48 7.91
C ASP A 401 -26.20 -13.23 8.26
N LYS A 402 -26.85 -12.66 7.25
CA LYS A 402 -27.59 -11.41 7.37
C LYS A 402 -28.75 -11.49 8.38
N VAL A 403 -29.40 -12.66 8.43
CA VAL A 403 -30.54 -12.86 9.33
C VAL A 403 -30.11 -12.81 10.79
N GLN A 404 -28.99 -13.44 11.11
CA GLN A 404 -28.41 -13.39 12.46
C GLN A 404 -27.95 -11.99 12.87
N ARG A 405 -27.15 -11.34 12.01
CA ARG A 405 -26.61 -10.01 12.32
C ARG A 405 -27.72 -8.97 12.52
N THR A 406 -28.72 -8.98 11.64
CA THR A 406 -29.89 -8.08 11.73
C THR A 406 -30.68 -8.29 13.03
N TYR A 407 -30.89 -9.55 13.42
CA TYR A 407 -31.54 -9.86 14.68
C TYR A 407 -30.77 -9.34 15.89
N TYR A 408 -29.47 -9.64 15.96
CA TYR A 408 -28.68 -9.21 17.11
C TYR A 408 -28.40 -7.69 17.16
N VAL A 409 -28.33 -7.03 16.01
CA VAL A 409 -28.31 -5.55 15.98
C VAL A 409 -29.56 -4.94 16.59
N HIS A 410 -30.73 -5.42 16.17
CA HIS A 410 -31.99 -5.01 16.77
C HIS A 410 -31.98 -5.18 18.30
N GLN A 411 -31.55 -6.34 18.80
CA GLN A 411 -31.50 -6.58 20.25
C GLN A 411 -30.51 -5.67 20.98
N ALA A 412 -29.34 -5.46 20.38
CA ALA A 412 -28.25 -4.80 21.08
C ALA A 412 -28.12 -3.30 20.87
N LEU A 413 -28.69 -2.77 19.78
CA LEU A 413 -28.45 -1.38 19.40
C LEU A 413 -28.81 -0.32 20.45
N PRO A 414 -30.00 -0.42 21.07
CA PRO A 414 -30.30 0.55 22.15
C PRO A 414 -29.25 0.61 23.27
N SER A 415 -28.75 -0.54 23.70
CA SER A 415 -27.76 -0.61 24.78
C SER A 415 -26.39 -0.11 24.32
N ILE A 416 -26.09 -0.25 23.03
CA ILE A 416 -24.84 0.22 22.45
C ILE A 416 -24.87 1.76 22.32
N LEU A 417 -25.99 2.31 21.88
CA LEU A 417 -26.14 3.76 21.76
C LEU A 417 -26.13 4.48 23.12
N ASN A 418 -26.57 3.78 24.17
CA ASN A 418 -26.52 4.28 25.54
C ASN A 418 -25.09 4.42 26.06
N LEU A 419 -24.18 3.60 25.53
CA LEU A 419 -22.78 3.60 25.94
C LEU A 419 -22.00 4.81 25.47
N MET A 420 -22.60 5.60 24.59
CA MET A 420 -22.02 6.90 24.21
C MET A 420 -22.05 7.88 25.40
N ASN A 421 -22.83 7.54 26.43
CA ASN A 421 -22.89 8.32 27.66
C ASN A 421 -22.00 7.77 28.77
N ASP A 422 -21.28 6.70 28.45
CA ASP A 422 -20.39 6.04 29.41
C ASP A 422 -19.32 6.99 29.93
N GLN A 423 -18.76 6.69 31.09
CA GLN A 423 -17.79 7.58 31.71
C GLN A 423 -16.35 7.26 31.30
N SER A 424 -16.17 6.08 30.72
CA SER A 424 -14.87 5.66 30.21
C SER A 424 -14.69 6.11 28.77
N LEU A 425 -13.59 6.81 28.52
CA LEU A 425 -13.24 7.30 27.18
C LEU A 425 -13.11 6.12 26.22
N GLN A 426 -12.43 5.06 26.68
CA GLN A 426 -12.22 3.83 25.91
C GLN A 426 -13.51 3.18 25.44
N VAL A 427 -14.51 3.12 26.31
CA VAL A 427 -15.81 2.56 26.00
C VAL A 427 -16.50 3.37 24.90
N LYS A 428 -16.49 4.69 25.04
CA LYS A 428 -17.16 5.57 24.07
C LYS A 428 -16.46 5.53 22.71
N GLU A 429 -15.14 5.54 22.73
CA GLU A 429 -14.35 5.41 21.52
C GLU A 429 -14.71 4.15 20.74
N THR A 430 -14.69 3.01 21.43
CA THR A 430 -15.03 1.71 20.82
C THR A 430 -16.52 1.62 20.42
N THR A 431 -17.39 2.24 21.21
CA THR A 431 -18.83 2.30 20.91
C THR A 431 -19.10 3.01 19.59
N ALA A 432 -18.44 4.16 19.40
CA ALA A 432 -18.48 4.92 18.15
C ALA A 432 -18.03 4.06 16.97
N TRP A 433 -16.94 3.33 17.14
CA TRP A 433 -16.47 2.38 16.12
C TRP A 433 -17.48 1.27 15.82
N CYS A 434 -18.06 0.69 16.87
CA CYS A 434 -19.03 -0.40 16.74
C CYS A 434 -20.28 0.04 15.94
N ILE A 435 -20.79 1.24 16.23
CA ILE A 435 -21.88 1.83 15.43
C ILE A 435 -21.50 1.94 13.94
N GLY A 436 -20.26 2.34 13.65
CA GLY A 436 -19.78 2.40 12.26
C GLY A 436 -19.67 1.05 11.58
N ARG A 437 -19.26 0.04 12.34
CA ARG A 437 -19.29 -1.35 11.89
C ARG A 437 -20.71 -1.83 11.57
N ILE A 438 -21.66 -1.52 12.44
CA ILE A 438 -23.06 -1.82 12.19
C ILE A 438 -23.52 -1.14 10.90
N ALA A 439 -23.34 0.18 10.83
CA ALA A 439 -23.69 0.98 9.64
C ALA A 439 -23.02 0.49 8.35
N ASP A 440 -21.77 0.05 8.46
CA ASP A 440 -21.00 -0.34 7.28
C ASP A 440 -21.35 -1.74 6.79
N SER A 441 -21.63 -2.64 7.72
CA SER A 441 -21.87 -4.04 7.36
C SER A 441 -23.34 -4.47 7.39
N VAL A 442 -24.13 -3.87 8.28
CA VAL A 442 -25.56 -4.20 8.36
C VAL A 442 -26.41 -2.92 8.42
N ALA A 443 -26.36 -2.14 7.35
CA ALA A 443 -27.09 -0.85 7.26
C ALA A 443 -28.60 -1.02 7.17
N GLU A 444 -29.05 -2.13 6.59
CA GLU A 444 -30.47 -2.43 6.44
C GLU A 444 -31.16 -2.65 7.81
N SER A 445 -30.38 -3.12 8.79
CA SER A 445 -30.87 -3.39 10.14
C SER A 445 -31.15 -2.13 10.96
N ILE A 446 -30.65 -0.98 10.49
CA ILE A 446 -30.94 0.32 11.11
C ILE A 446 -32.28 0.84 10.59
N ASP A 447 -33.36 0.57 11.33
CA ASP A 447 -34.69 1.02 10.91
C ASP A 447 -34.73 2.53 10.90
N PRO A 448 -35.19 3.14 9.79
CA PRO A 448 -35.18 4.60 9.65
C PRO A 448 -35.91 5.32 10.78
N GLN A 449 -37.01 4.76 11.26
CA GLN A 449 -37.82 5.39 12.32
C GLN A 449 -37.38 4.96 13.73
N GLN A 450 -37.08 3.68 13.87
CA GLN A 450 -36.83 3.06 15.16
C GLN A 450 -35.41 3.32 15.67
N HIS A 451 -34.44 3.32 14.76
CA HIS A 451 -33.02 3.27 15.13
C HIS A 451 -32.18 4.43 14.63
N LEU A 452 -32.45 4.91 13.42
CA LEU A 452 -31.64 5.94 12.77
C LEU A 452 -31.57 7.29 13.50
N PRO A 453 -32.68 7.77 14.05
CA PRO A 453 -32.61 9.01 14.86
C PRO A 453 -31.65 8.89 16.03
N GLY A 454 -31.60 7.70 16.63
CA GLY A 454 -30.79 7.44 17.82
C GLY A 454 -29.33 7.28 17.47
N VAL A 455 -29.09 6.68 16.30
CA VAL A 455 -27.76 6.52 15.72
C VAL A 455 -27.13 7.88 15.36
N VAL A 456 -27.90 8.71 14.65
CA VAL A 456 -27.51 10.09 14.34
C VAL A 456 -27.16 10.85 15.62
N GLN A 457 -28.08 10.85 16.58
CA GLN A 457 -27.89 11.54 17.85
C GLN A 457 -26.61 11.11 18.57
N ALA A 458 -26.34 9.80 18.63
CA ALA A 458 -25.11 9.29 19.25
C ALA A 458 -23.84 9.79 18.58
N CYS A 459 -23.88 9.92 17.26
CA CYS A 459 -22.78 10.47 16.48
C CYS A 459 -22.59 11.94 16.76
N LEU A 460 -23.70 12.63 16.96
CA LEU A 460 -23.70 14.03 17.33
C LEU A 460 -23.12 14.25 18.72
N ILE A 461 -23.50 13.39 19.67
CA ILE A 461 -22.90 13.44 21.01
C ILE A 461 -21.38 13.19 20.96
N GLY A 462 -20.96 12.12 20.28
CA GLY A 462 -19.54 11.79 20.14
C GLY A 462 -18.62 12.79 19.44
N LEU A 463 -19.15 13.51 18.45
CA LEU A 463 -18.43 14.61 17.80
C LEU A 463 -18.11 15.78 18.73
N GLN A 464 -18.80 15.84 19.86
CA GLN A 464 -18.62 16.92 20.83
C GLN A 464 -17.82 16.44 22.03
N ASP A 465 -17.43 15.17 21.99
CA ASP A 465 -16.69 14.51 23.05
C ASP A 465 -15.19 14.62 22.79
N HIS A 466 -14.41 13.79 23.48
CA HIS A 466 -12.96 13.75 23.35
C HIS A 466 -12.58 13.46 21.90
N PRO A 467 -11.45 14.02 21.41
CA PRO A 467 -11.06 13.86 19.99
C PRO A 467 -11.04 12.39 19.49
N LYS A 468 -10.67 11.46 20.37
CA LYS A 468 -10.63 10.04 20.04
C LYS A 468 -12.00 9.47 19.71
N VAL A 469 -13.00 9.91 20.45
CA VAL A 469 -14.40 9.57 20.19
C VAL A 469 -14.88 10.25 18.90
N ALA A 470 -14.57 11.55 18.76
CA ALA A 470 -14.98 12.39 17.63
C ALA A 470 -14.48 11.87 16.28
N THR A 471 -13.25 11.36 16.25
CA THR A 471 -12.65 10.80 15.05
C THR A 471 -13.43 9.58 14.58
N ASN A 472 -13.77 8.70 15.52
CA ASN A 472 -14.55 7.50 15.21
C ASN A 472 -15.96 7.83 14.77
N CYS A 473 -16.55 8.88 15.36
CA CYS A 473 -17.88 9.34 14.96
C CYS A 473 -17.93 9.90 13.55
N SER A 474 -16.86 10.56 13.11
CA SER A 474 -16.77 11.06 11.73
C SER A 474 -16.77 9.92 10.71
N TRP A 475 -15.87 8.96 10.91
CA TRP A 475 -15.79 7.75 10.08
C TRP A 475 -17.10 6.93 10.07
N THR A 476 -17.81 6.92 11.20
CA THR A 476 -19.13 6.30 11.31
C THR A 476 -20.18 7.02 10.47
N ILE A 477 -20.18 8.35 10.52
CA ILE A 477 -21.08 9.18 9.71
C ILE A 477 -20.83 8.97 8.22
N ILE A 478 -19.55 8.86 7.83
CA ILE A 478 -19.16 8.50 6.47
C ILE A 478 -19.81 7.17 6.06
N ASN A 479 -19.59 6.12 6.86
CA ASN A 479 -20.25 4.81 6.67
C ASN A 479 -21.77 4.94 6.54
N LEU A 480 -22.40 5.59 7.51
CA LEU A 480 -23.85 5.86 7.47
C LEU A 480 -24.28 6.42 6.12
N VAL A 481 -23.66 7.51 5.71
CA VAL A 481 -24.04 8.20 4.48
C VAL A 481 -23.77 7.34 3.23
N GLU A 482 -22.55 6.83 3.10
CA GLU A 482 -22.19 5.97 1.97
C GLU A 482 -23.20 4.83 1.79
N GLN A 483 -23.62 4.22 2.91
CA GLN A 483 -24.52 3.08 2.85
C GLN A 483 -25.99 3.45 2.65
N LEU A 484 -26.46 4.51 3.31
CA LEU A 484 -27.88 4.84 3.32
C LEU A 484 -28.34 5.84 2.24
N ALA A 485 -27.43 6.26 1.36
CA ALA A 485 -27.78 7.16 0.27
C ALA A 485 -28.29 6.43 -0.99
N GLU A 486 -28.08 5.12 -1.04
CA GLU A 486 -28.57 4.28 -2.15
C GLU A 486 -30.04 3.83 -2.00
N ALA A 487 -30.56 3.87 -0.78
CA ALA A 487 -31.94 3.47 -0.47
C ALA A 487 -33.01 4.22 -1.28
N THR A 488 -34.01 3.48 -1.76
CA THR A 488 -35.08 4.01 -2.63
C THR A 488 -35.96 5.08 -1.94
N PRO A 489 -36.46 4.78 -0.72
CA PRO A 489 -36.78 5.90 0.17
C PRO A 489 -35.56 6.14 1.08
N SER A 490 -34.77 7.16 0.75
CA SER A 490 -33.51 7.40 1.47
C SER A 490 -33.69 8.31 2.69
N PRO A 491 -33.47 7.76 3.89
CA PRO A 491 -33.89 8.45 5.11
C PRO A 491 -32.79 9.32 5.71
N ILE A 492 -31.57 9.15 5.21
CA ILE A 492 -30.39 9.84 5.74
C ILE A 492 -30.39 11.35 5.44
N TYR A 493 -31.06 11.75 4.37
CA TYR A 493 -31.08 13.14 3.95
C TYR A 493 -31.86 14.04 4.91
N ASN A 494 -32.84 13.46 5.61
CA ASN A 494 -33.54 14.15 6.71
C ASN A 494 -32.59 14.60 7.82
N PHE A 495 -31.46 13.91 7.95
CA PHE A 495 -30.49 14.22 9.00
C PHE A 495 -29.28 15.00 8.51
N TYR A 496 -29.26 15.34 7.22
CA TYR A 496 -28.15 16.13 6.64
C TYR A 496 -27.83 17.46 7.35
N PRO A 497 -28.85 18.32 7.57
CA PRO A 497 -28.55 19.58 8.25
C PRO A 497 -27.88 19.38 9.61
N ALA A 498 -28.39 18.46 10.41
CA ALA A 498 -27.88 18.29 11.77
C ALA A 498 -26.52 17.58 11.76
N LEU A 499 -26.35 16.60 10.88
CA LEU A 499 -25.05 15.94 10.70
C LEU A 499 -23.97 16.88 10.20
N VAL A 500 -24.28 17.66 9.16
CA VAL A 500 -23.35 18.66 8.60
C VAL A 500 -22.97 19.72 9.63
N ASP A 501 -23.97 20.18 10.39
CA ASP A 501 -23.75 21.11 11.48
C ASP A 501 -22.82 20.56 12.60
N GLY A 502 -22.99 19.29 12.96
CA GLY A 502 -22.10 18.68 13.94
C GLY A 502 -20.68 18.54 13.43
N LEU A 503 -20.54 18.19 12.15
CA LEU A 503 -19.24 18.03 11.51
C LEU A 503 -18.50 19.35 11.38
N ILE A 504 -19.24 20.43 11.09
CA ILE A 504 -18.68 21.79 11.01
C ILE A 504 -18.17 22.26 12.38
N GLY A 505 -18.97 22.05 13.42
CA GLY A 505 -18.52 22.20 14.81
C GLY A 505 -17.23 21.44 15.09
N ALA A 506 -17.17 20.17 14.69
CA ALA A 506 -15.97 19.32 14.88
C ALA A 506 -14.77 19.74 14.04
N ALA A 507 -14.99 20.19 12.81
CA ALA A 507 -13.91 20.66 11.95
C ALA A 507 -13.31 21.96 12.49
N ASN A 508 -14.06 22.61 13.40
CA ASN A 508 -13.69 23.87 14.04
C ASN A 508 -12.91 23.77 15.34
N ARG A 509 -12.55 22.57 15.78
CA ARG A 509 -11.78 22.47 17.03
C ARG A 509 -10.41 23.12 16.90
N ILE A 510 -9.77 23.37 18.04
CA ILE A 510 -8.53 24.16 18.09
C ILE A 510 -7.36 23.52 17.33
N ASP A 511 -7.29 22.18 17.30
CA ASP A 511 -6.22 21.47 16.62
C ASP A 511 -6.67 20.13 16.06
N ASN A 512 -5.71 19.37 15.53
CA ASN A 512 -6.01 18.05 14.99
C ASN A 512 -5.52 16.89 15.88
N GLU A 513 -5.68 17.02 17.19
CA GLU A 513 -5.26 15.93 18.04
C GLU A 513 -6.13 14.70 17.84
N PHE A 514 -5.47 13.54 17.75
CA PHE A 514 -6.13 12.25 17.49
C PHE A 514 -6.88 12.21 16.16
N ASN A 515 -6.52 13.16 15.28
CA ASN A 515 -6.99 13.27 13.88
C ASN A 515 -8.46 13.60 13.76
N ALA A 516 -9.02 14.22 14.81
CA ALA A 516 -10.44 14.51 14.91
C ALA A 516 -10.90 15.60 13.98
N ARG A 517 -10.03 16.58 13.73
CA ARG A 517 -10.40 17.68 12.86
C ARG A 517 -10.30 17.23 11.40
N ALA A 518 -9.21 16.56 11.06
CA ALA A 518 -9.02 16.01 9.71
C ALA A 518 -10.12 15.01 9.36
N SER A 519 -10.48 14.14 10.29
CA SER A 519 -11.64 13.23 10.16
C SER A 519 -12.91 13.95 9.76
N ALA A 520 -13.19 15.06 10.46
CA ALA A 520 -14.40 15.84 10.25
C ALA A 520 -14.40 16.45 8.85
N PHE A 521 -13.25 16.92 8.39
CA PHE A 521 -13.15 17.43 7.03
C PHE A 521 -13.44 16.36 5.98
N SER A 522 -12.89 15.16 6.17
CA SER A 522 -13.18 14.02 5.27
C SER A 522 -14.67 13.67 5.24
N ALA A 523 -15.29 13.64 6.41
CA ALA A 523 -16.72 13.45 6.52
C ALA A 523 -17.47 14.54 5.75
N LEU A 524 -17.01 15.78 5.82
CA LEU A 524 -17.60 16.87 5.03
C LEU A 524 -17.43 16.64 3.55
N THR A 525 -16.32 16.03 3.14
CA THR A 525 -16.09 15.70 1.73
C THR A 525 -17.17 14.70 1.28
N THR A 526 -17.41 13.69 2.10
CA THR A 526 -18.47 12.72 1.86
C THR A 526 -19.86 13.36 1.78
N MET A 527 -20.20 14.20 2.76
CA MET A 527 -21.46 14.95 2.75
C MET A 527 -21.67 15.73 1.46
N VAL A 528 -20.61 16.38 0.97
CA VAL A 528 -20.65 17.15 -0.28
C VAL A 528 -20.83 16.23 -1.48
N GLU A 529 -20.07 15.15 -1.53
CA GLU A 529 -20.14 14.18 -2.62
C GLU A 529 -21.52 13.54 -2.74
N TYR A 530 -22.16 13.26 -1.62
CA TYR A 530 -23.45 12.55 -1.62
C TYR A 530 -24.68 13.45 -1.61
N ALA A 531 -24.48 14.75 -1.43
CA ALA A 531 -25.58 15.71 -1.39
C ALA A 531 -26.53 15.59 -2.60
N THR A 532 -27.79 15.93 -2.39
CA THR A 532 -28.78 15.97 -3.48
C THR A 532 -29.35 17.39 -3.61
N ASP A 533 -30.07 17.64 -4.70
CA ASP A 533 -30.78 18.91 -4.91
C ASP A 533 -31.68 19.26 -3.73
N THR A 534 -32.13 18.23 -3.03
CA THR A 534 -32.97 18.34 -1.85
C THR A 534 -32.27 19.05 -0.67
N VAL A 535 -30.95 18.87 -0.57
CA VAL A 535 -30.17 19.42 0.55
C VAL A 535 -29.16 20.51 0.12
N ALA A 536 -29.58 21.32 -0.85
CA ALA A 536 -28.77 22.41 -1.39
C ALA A 536 -28.40 23.46 -0.34
N GLU A 537 -29.31 23.76 0.58
CA GLU A 537 -29.08 24.74 1.64
C GLU A 537 -27.95 24.34 2.57
N THR A 538 -27.85 23.04 2.86
CA THR A 538 -26.81 22.54 3.75
C THR A 538 -25.50 22.26 2.98
N SER A 539 -25.61 22.05 1.67
CA SER A 539 -24.44 21.99 0.81
C SER A 539 -23.79 23.38 0.68
N ALA A 540 -24.63 24.41 0.60
CA ALA A 540 -24.20 25.81 0.64
C ALA A 540 -23.58 26.21 1.98
N SER A 541 -24.02 25.59 3.07
CA SER A 541 -23.40 25.76 4.39
C SER A 541 -21.95 25.30 4.44
N ILE A 542 -21.64 24.20 3.77
CA ILE A 542 -20.29 23.64 3.77
C ILE A 542 -19.37 24.55 2.98
N SER A 543 -19.79 24.90 1.77
CA SER A 543 -19.05 25.81 0.91
C SER A 543 -18.75 27.15 1.58
N THR A 544 -19.76 27.77 2.19
CA THR A 544 -19.57 28.98 2.99
C THR A 544 -18.51 28.76 4.09
N PHE A 545 -18.60 27.63 4.79
CA PHE A 545 -17.69 27.31 5.87
C PHE A 545 -16.23 27.18 5.41
N VAL A 546 -16.00 26.44 4.33
CA VAL A 546 -14.62 26.14 3.90
C VAL A 546 -13.94 27.34 3.25
N MET A 547 -14.76 28.22 2.69
CA MET A 547 -14.28 29.46 2.11
C MET A 547 -13.86 30.38 3.23
N ASP A 548 -14.76 30.51 4.21
CA ASP A 548 -14.48 31.19 5.46
C ASP A 548 -13.21 30.68 6.15
N LYS A 549 -13.10 29.36 6.30
CA LYS A 549 -11.97 28.77 6.99
C LYS A 549 -10.65 28.90 6.23
N LEU A 550 -10.71 28.86 4.90
CA LEU A 550 -9.53 29.04 4.05
C LEU A 550 -8.96 30.44 4.17
N GLY A 551 -9.85 31.43 4.13
CA GLY A 551 -9.46 32.82 4.26
C GLY A 551 -8.91 33.15 5.64
N GLN A 552 -9.24 32.33 6.64
CA GLN A 552 -8.72 32.51 7.99
C GLN A 552 -7.28 32.03 8.09
N THR A 553 -6.98 30.90 7.45
CA THR A 553 -5.64 30.34 7.49
C THR A 553 -4.62 31.22 6.73
N MET A 554 -5.09 31.91 5.70
CA MET A 554 -4.22 32.70 4.83
C MET A 554 -3.82 34.05 5.39
N SER A 555 -4.45 34.44 6.50
CA SER A 555 -4.14 35.71 7.14
C SER A 555 -3.09 35.54 8.22
N VAL A 556 -2.75 34.28 8.50
CA VAL A 556 -1.77 33.91 9.53
C VAL A 556 -0.36 34.21 9.03
N ASP A 557 0.45 34.83 9.91
CA ASP A 557 1.87 35.00 9.64
C ASP A 557 2.60 33.68 9.91
N GLU A 558 3.02 33.03 8.83
CA GLU A 558 3.72 31.74 8.94
C GLU A 558 5.08 31.81 9.64
N ASN A 559 5.78 32.95 9.47
CA ASN A 559 7.04 33.23 10.17
C ASN A 559 6.96 33.03 11.69
N GLN A 560 5.78 33.28 12.27
CA GLN A 560 5.57 33.33 13.72
C GLN A 560 5.18 31.99 14.31
N LEU A 561 4.91 31.02 13.45
CA LEU A 561 4.34 29.74 13.87
C LEU A 561 5.38 28.83 14.52
N THR A 562 4.97 28.17 15.60
CA THR A 562 5.82 27.17 16.24
C THR A 562 5.87 25.92 15.35
N LEU A 563 6.73 24.98 15.72
CA LEU A 563 6.93 23.75 14.97
C LEU A 563 5.64 22.96 14.82
N GLU A 564 4.90 22.84 15.92
CA GLU A 564 3.65 22.10 15.94
C GLU A 564 2.55 22.80 15.15
N ASP A 565 2.45 24.13 15.33
CA ASP A 565 1.41 24.93 14.68
C ASP A 565 1.62 25.07 13.19
N ALA A 566 2.87 25.13 12.77
CA ALA A 566 3.21 25.09 11.34
C ALA A 566 2.74 23.79 10.70
N GLN A 567 2.97 22.68 11.38
CA GLN A 567 2.57 21.36 10.92
C GLN A 567 1.04 21.31 10.83
N SER A 568 0.40 21.83 11.87
CA SER A 568 -1.04 21.87 12.02
C SER A 568 -1.76 22.78 10.99
N LEU A 569 -1.18 23.96 10.72
CA LEU A 569 -1.73 24.86 9.71
C LEU A 569 -1.66 24.27 8.30
N GLN A 570 -0.50 23.72 7.93
CA GLN A 570 -0.28 23.07 6.65
C GLN A 570 -1.41 22.08 6.35
N GLU A 571 -1.68 21.23 7.32
CA GLU A 571 -2.57 20.10 7.14
C GLU A 571 -4.03 20.52 7.20
N LEU A 572 -4.33 21.56 7.97
CA LEU A 572 -5.66 22.16 7.97
C LEU A 572 -6.01 22.69 6.58
N GLN A 573 -5.08 23.43 5.97
CA GLN A 573 -5.27 24.01 4.64
C GLN A 573 -5.46 22.91 3.62
N SER A 574 -4.62 21.89 3.71
CA SER A 574 -4.80 20.66 2.95
C SER A 574 -6.23 20.14 3.05
N ASN A 575 -6.73 19.97 4.28
CA ASN A 575 -8.10 19.50 4.55
C ASN A 575 -9.14 20.40 3.93
N ILE A 576 -8.96 21.71 4.08
CA ILE A 576 -9.91 22.69 3.53
C ILE A 576 -9.96 22.57 2.01
N LEU A 577 -8.77 22.55 1.39
CA LEU A 577 -8.61 22.45 -0.05
C LEU A 577 -9.27 21.20 -0.64
N THR A 578 -9.16 20.07 0.07
CA THR A 578 -9.79 18.82 -0.33
C THR A 578 -11.33 18.90 -0.40
N VAL A 579 -11.98 19.43 0.64
CA VAL A 579 -13.41 19.69 0.63
C VAL A 579 -13.76 20.73 -0.44
N LEU A 580 -12.96 21.80 -0.54
CA LEU A 580 -13.21 22.85 -1.52
C LEU A 580 -13.20 22.32 -2.96
N ALA A 581 -12.24 21.45 -3.28
CA ALA A 581 -12.17 20.82 -4.59
C ALA A 581 -13.46 20.04 -4.87
N ALA A 582 -13.93 19.28 -3.87
CA ALA A 582 -15.19 18.53 -3.96
C ALA A 582 -16.40 19.43 -4.16
N VAL A 583 -16.44 20.56 -3.46
CA VAL A 583 -17.52 21.54 -3.61
C VAL A 583 -17.59 22.07 -5.04
N ILE A 584 -16.45 22.54 -5.56
CA ILE A 584 -16.36 23.02 -6.95
C ILE A 584 -16.86 21.99 -7.95
N ARG A 585 -16.50 20.73 -7.75
CA ARG A 585 -16.87 19.62 -8.64
C ARG A 585 -18.34 19.23 -8.56
N LYS A 586 -18.86 19.13 -7.35
CA LYS A 586 -20.23 18.69 -7.11
C LYS A 586 -21.22 19.73 -7.62
N SER A 587 -20.85 20.99 -7.48
CA SER A 587 -21.74 22.08 -7.83
C SER A 587 -20.99 23.14 -8.66
N PRO A 588 -20.76 22.86 -9.96
CA PRO A 588 -20.18 23.88 -10.86
C PRO A 588 -21.22 24.96 -11.17
N SER A 589 -22.22 25.06 -10.30
CA SER A 589 -23.36 25.94 -10.48
C SER A 589 -23.12 27.27 -9.76
N SER A 590 -22.41 27.18 -8.64
CA SER A 590 -22.16 28.33 -7.75
C SER A 590 -20.76 28.88 -7.97
N VAL A 591 -20.06 28.28 -8.95
CA VAL A 591 -18.62 28.39 -9.14
C VAL A 591 -18.16 29.59 -10.00
N GLU A 592 -18.89 29.88 -11.07
CA GLU A 592 -18.51 30.93 -12.03
C GLU A 592 -18.52 32.38 -11.55
N PRO A 593 -19.39 32.74 -10.57
CA PRO A 593 -19.24 34.09 -10.00
C PRO A 593 -17.99 34.25 -9.10
N VAL A 594 -17.74 33.28 -8.22
CA VAL A 594 -16.57 33.30 -7.32
C VAL A 594 -15.22 32.93 -7.98
N ALA A 595 -15.24 32.65 -9.28
CA ALA A 595 -14.06 32.11 -9.99
C ALA A 595 -12.81 32.99 -9.99
N ASP A 596 -12.98 34.31 -10.13
CA ASP A 596 -11.87 35.26 -10.10
C ASP A 596 -11.27 35.36 -8.70
N MET A 597 -12.15 35.28 -7.70
CA MET A 597 -11.77 35.28 -6.29
C MET A 597 -11.06 33.98 -5.90
N LEU A 598 -11.59 32.84 -6.35
CA LEU A 598 -11.00 31.53 -6.05
C LEU A 598 -9.60 31.39 -6.59
N MET A 599 -9.42 31.77 -7.85
CA MET A 599 -8.12 31.73 -8.51
C MET A 599 -7.10 32.71 -7.93
N GLY A 600 -7.58 33.81 -7.37
CA GLY A 600 -6.72 34.78 -6.70
C GLY A 600 -6.11 34.18 -5.45
N LEU A 601 -6.92 33.42 -4.72
CA LEU A 601 -6.47 32.70 -3.52
C LEU A 601 -5.52 31.56 -3.87
N PHE A 602 -5.84 30.82 -4.93
CA PHE A 602 -5.01 29.67 -5.32
C PHE A 602 -3.60 30.09 -5.72
N PHE A 603 -3.50 31.16 -6.50
CA PHE A 603 -2.20 31.72 -6.88
C PHE A 603 -1.44 32.21 -5.66
N ARG A 604 -2.13 32.90 -4.76
CA ARG A 604 -1.54 33.32 -3.49
C ARG A 604 -1.00 32.14 -2.68
N LEU A 605 -1.72 31.02 -2.71
CA LEU A 605 -1.30 29.78 -2.05
C LEU A 605 -0.06 29.14 -2.69
N LEU A 606 0.13 29.39 -3.98
CA LEU A 606 1.29 28.90 -4.71
C LEU A 606 2.51 29.76 -4.45
N GLU A 607 2.26 31.02 -4.05
CA GLU A 607 3.32 31.95 -3.67
C GLU A 607 3.68 31.79 -2.20
N LYS A 608 2.73 31.32 -1.40
CA LYS A 608 2.94 30.99 0.01
C LYS A 608 4.25 30.21 0.14
N LYS A 609 5.13 30.66 1.04
CA LYS A 609 6.50 30.15 1.14
C LYS A 609 6.58 28.62 1.24
N ASP A 610 5.70 28.03 2.04
CA ASP A 610 5.60 26.57 2.17
C ASP A 610 4.52 25.98 1.26
N SER A 611 4.56 26.36 -0.02
CA SER A 611 3.60 25.89 -1.01
C SER A 611 3.83 24.43 -1.40
N ALA A 612 5.06 23.94 -1.22
CA ALA A 612 5.41 22.55 -1.50
C ALA A 612 4.42 21.54 -0.90
N PHE A 613 4.03 21.75 0.35
CA PHE A 613 3.11 20.84 1.05
C PHE A 613 1.67 20.91 0.51
N ILE A 614 1.22 22.10 0.14
CA ILE A 614 -0.17 22.29 -0.33
C ILE A 614 -0.34 22.42 -1.86
N GLU A 615 0.75 22.60 -2.61
CA GLU A 615 0.65 22.83 -4.07
C GLU A 615 -0.12 21.73 -4.78
N ASP A 616 0.01 20.51 -4.26
CA ASP A 616 -0.72 19.36 -4.76
C ASP A 616 -2.23 19.59 -4.60
N ASP A 617 -2.64 19.85 -3.36
CA ASP A 617 -4.03 20.20 -3.06
C ASP A 617 -4.52 21.41 -3.84
N VAL A 618 -3.66 22.40 -4.06
CA VAL A 618 -4.06 23.61 -4.78
C VAL A 618 -4.29 23.30 -6.26
N PHE A 619 -3.40 22.49 -6.84
CA PHE A 619 -3.50 22.05 -8.22
C PHE A 619 -4.78 21.26 -8.47
N TYR A 620 -5.14 20.44 -7.51
CA TYR A 620 -6.33 19.61 -7.59
C TYR A 620 -7.61 20.46 -7.57
N ALA A 621 -7.59 21.55 -6.80
CA ALA A 621 -8.72 22.49 -6.75
C ALA A 621 -8.79 23.35 -8.02
N ILE A 622 -7.65 23.77 -8.54
CA ILE A 622 -7.58 24.49 -9.81
C ILE A 622 -8.13 23.61 -10.92
N SER A 623 -7.69 22.35 -10.96
CA SER A 623 -8.20 21.35 -11.91
C SER A 623 -9.73 21.26 -11.87
N ALA A 624 -10.29 21.11 -10.68
CA ALA A 624 -11.73 21.10 -10.47
C ALA A 624 -12.38 22.39 -11.00
N LEU A 625 -11.75 23.55 -10.76
CA LEU A 625 -12.25 24.82 -11.26
C LEU A 625 -12.27 24.82 -12.80
N ALA A 626 -11.19 24.35 -13.41
CA ALA A 626 -11.11 24.16 -14.87
C ALA A 626 -12.26 23.35 -15.45
N ALA A 627 -12.46 22.13 -14.94
CA ALA A 627 -13.57 21.26 -15.33
C ALA A 627 -14.95 21.94 -15.24
N SER A 628 -15.09 22.84 -14.27
CA SER A 628 -16.34 23.54 -14.01
C SER A 628 -16.61 24.66 -15.01
N LEU A 629 -15.55 25.31 -15.45
CA LEU A 629 -15.65 26.50 -16.29
C LEU A 629 -15.61 26.16 -17.77
N GLY A 630 -14.90 25.09 -18.12
CA GLY A 630 -14.67 24.76 -19.52
C GLY A 630 -13.92 25.88 -20.21
N LYS A 631 -14.57 26.52 -21.18
CA LYS A 631 -13.99 27.63 -21.93
C LYS A 631 -13.70 28.82 -21.02
N GLY A 632 -14.59 29.06 -20.06
CA GLY A 632 -14.42 30.12 -19.07
C GLY A 632 -13.12 30.10 -18.28
N PHE A 633 -12.38 29.00 -18.35
CA PHE A 633 -11.10 28.91 -17.64
C PHE A 633 -9.92 29.52 -18.40
N GLU A 634 -10.03 29.54 -19.74
CA GLU A 634 -8.97 30.01 -20.64
C GLU A 634 -8.33 31.36 -20.25
N LYS A 635 -9.11 32.26 -19.66
CA LYS A 635 -8.60 33.57 -19.24
C LYS A 635 -7.47 33.49 -18.20
N TYR A 636 -7.47 32.42 -17.41
CA TYR A 636 -6.49 32.22 -16.34
C TYR A 636 -5.23 31.51 -16.84
N LEU A 637 -5.28 30.97 -18.06
CA LEU A 637 -4.25 30.07 -18.55
C LEU A 637 -2.87 30.69 -18.69
N GLU A 638 -2.82 31.97 -19.02
CA GLU A 638 -1.57 32.68 -19.27
C GLU A 638 -0.82 33.09 -17.99
N THR A 639 -1.57 33.38 -16.93
CA THR A 639 -1.00 33.62 -15.61
C THR A 639 -0.68 32.31 -14.86
N PHE A 640 -1.47 31.26 -15.12
CA PHE A 640 -1.27 29.94 -14.50
C PHE A 640 -0.18 29.12 -15.17
N SER A 641 -0.07 29.27 -16.49
CA SER A 641 0.93 28.55 -17.29
C SER A 641 2.35 28.46 -16.67
N PRO A 642 2.92 29.59 -16.16
CA PRO A 642 4.24 29.53 -15.50
C PRO A 642 4.33 28.52 -14.36
N TYR A 643 3.29 28.45 -13.53
CA TYR A 643 3.21 27.49 -12.43
C TYR A 643 3.08 26.08 -12.95
N LEU A 644 2.25 25.91 -13.99
CA LEU A 644 1.97 24.63 -14.59
C LEU A 644 3.21 24.00 -15.20
N LEU A 645 3.94 24.79 -16.01
CA LEU A 645 5.14 24.29 -16.69
C LEU A 645 6.28 23.97 -15.72
N LYS A 646 6.33 24.70 -14.61
CA LYS A 646 7.28 24.41 -13.52
C LYS A 646 6.94 23.10 -12.80
N ALA A 647 5.67 22.89 -12.49
CA ALA A 647 5.21 21.67 -11.81
C ALA A 647 5.37 20.43 -12.69
N LEU A 648 4.98 20.53 -13.97
CA LEU A 648 5.16 19.45 -14.93
C LEU A 648 6.60 18.95 -14.97
N ASN A 649 7.53 19.89 -14.94
CA ASN A 649 8.96 19.55 -15.04
C ASN A 649 9.65 19.16 -13.73
N GLN A 650 8.90 19.19 -12.63
CA GLN A 650 9.33 18.63 -11.33
C GLN A 650 9.02 17.14 -11.33
N VAL A 651 9.71 16.41 -12.21
CA VAL A 651 9.39 15.01 -12.53
C VAL A 651 9.61 14.00 -11.40
N ASP A 652 10.37 14.42 -10.37
CA ASP A 652 10.59 13.61 -9.17
C ASP A 652 9.70 14.04 -8.00
N SER A 653 8.66 14.80 -8.30
CA SER A 653 7.78 15.37 -7.29
C SER A 653 6.32 15.02 -7.63
N PRO A 654 5.49 14.68 -6.61
CA PRO A 654 4.10 14.27 -6.88
C PRO A 654 3.21 15.36 -7.49
N VAL A 655 3.68 16.60 -7.50
CA VAL A 655 2.95 17.70 -8.13
C VAL A 655 2.91 17.55 -9.67
N SER A 656 3.91 16.89 -10.24
CA SER A 656 3.97 16.68 -11.69
C SER A 656 2.89 15.70 -12.18
N ILE A 657 2.54 14.74 -11.32
CA ILE A 657 1.47 13.78 -11.59
C ILE A 657 0.13 14.50 -11.51
N THR A 658 0.04 15.44 -10.58
CA THR A 658 -1.16 16.24 -10.42
C THR A 658 -1.32 17.19 -11.61
N ALA A 659 -0.19 17.71 -12.09
CA ALA A 659 -0.14 18.65 -13.22
C ALA A 659 -0.58 17.99 -14.53
N VAL A 660 -0.14 16.75 -14.74
CA VAL A 660 -0.68 15.89 -15.80
C VAL A 660 -2.21 15.76 -15.67
N GLY A 661 -2.68 15.59 -14.44
CA GLY A 661 -4.12 15.51 -14.18
C GLY A 661 -4.85 16.77 -14.60
N PHE A 662 -4.10 17.87 -14.67
CA PHE A 662 -4.69 19.14 -15.06
C PHE A 662 -4.91 19.21 -16.57
N ILE A 663 -3.93 18.70 -17.33
CA ILE A 663 -4.02 18.61 -18.77
C ILE A 663 -5.21 17.72 -19.15
N ALA A 664 -5.38 16.61 -18.45
CA ALA A 664 -6.53 15.74 -18.62
C ALA A 664 -7.85 16.46 -18.37
N ASP A 665 -7.85 17.35 -17.37
CA ASP A 665 -9.04 18.12 -17.02
C ASP A 665 -9.44 19.18 -18.06
N ILE A 666 -8.47 19.94 -18.55
CA ILE A 666 -8.76 20.96 -19.58
C ILE A 666 -8.98 20.40 -20.97
N SER A 667 -8.33 19.30 -21.31
CA SER A 667 -8.53 18.65 -22.60
C SER A 667 -9.95 18.17 -22.69
N ASN A 668 -10.46 17.65 -21.57
CA ASN A 668 -11.83 17.19 -21.49
C ASN A 668 -12.85 18.32 -21.35
N SER A 669 -12.44 19.45 -20.76
CA SER A 669 -13.35 20.59 -20.55
C SER A 669 -13.42 21.59 -21.72
N LEU A 670 -12.33 21.74 -22.46
CA LEU A 670 -12.30 22.62 -23.64
C LEU A 670 -12.56 21.81 -24.91
N GLU A 671 -12.31 20.50 -24.80
CA GLU A 671 -11.97 19.56 -25.90
C GLU A 671 -11.51 20.03 -27.28
N GLU A 672 -12.25 20.91 -27.93
CA GLU A 672 -11.85 21.37 -29.25
C GLU A 672 -11.33 22.83 -29.27
N ASP A 673 -11.59 23.56 -28.20
CA ASP A 673 -10.76 24.73 -27.88
C ASP A 673 -9.40 24.25 -27.33
N PHE A 674 -9.28 22.95 -27.07
CA PHE A 674 -8.02 22.38 -26.62
C PHE A 674 -7.01 22.16 -27.75
N ARG A 675 -7.50 22.00 -28.98
CA ARG A 675 -6.65 21.79 -30.15
C ARG A 675 -5.47 22.75 -30.24
N ARG A 676 -5.64 23.97 -29.76
CA ARG A 676 -4.65 25.01 -29.98
C ARG A 676 -3.48 24.99 -28.99
N TYR A 677 -3.64 24.28 -27.87
CA TYR A 677 -2.54 24.08 -26.93
C TYR A 677 -1.93 22.69 -27.07
N SER A 678 -2.59 21.83 -27.86
CA SER A 678 -2.28 20.40 -27.95
C SER A 678 -0.87 20.04 -28.42
N ASP A 679 -0.41 20.70 -29.48
CA ASP A 679 0.93 20.41 -30.01
C ASP A 679 1.99 20.73 -28.97
N ALA A 680 1.87 21.89 -28.34
CA ALA A 680 2.78 22.31 -27.29
C ALA A 680 2.72 21.40 -26.05
N MET A 681 1.53 20.90 -25.72
CA MET A 681 1.40 19.94 -24.61
C MET A 681 2.02 18.59 -24.95
N MET A 682 1.90 18.19 -26.21
CA MET A 682 2.48 16.94 -26.71
C MET A 682 4.01 16.91 -26.61
N ASN A 683 4.64 18.03 -26.97
CA ASN A 683 6.10 18.18 -26.88
C ASN A 683 6.60 18.11 -25.43
N VAL A 684 5.93 18.83 -24.53
CA VAL A 684 6.25 18.83 -23.09
C VAL A 684 6.13 17.43 -22.48
N LEU A 685 5.06 16.72 -22.83
CA LEU A 685 4.80 15.39 -22.31
C LEU A 685 5.80 14.35 -22.79
N ALA A 686 6.27 14.51 -24.02
CA ALA A 686 7.29 13.63 -24.60
C ALA A 686 8.64 13.75 -23.89
N GLN A 687 8.97 14.95 -23.43
CA GLN A 687 10.20 15.21 -22.68
C GLN A 687 10.13 14.74 -21.22
N MET A 688 8.92 14.75 -20.66
CA MET A 688 8.68 14.30 -19.29
C MET A 688 8.79 12.78 -19.14
N ILE A 689 8.48 12.05 -20.20
CA ILE A 689 8.60 10.59 -20.20
C ILE A 689 9.99 10.13 -20.67
N SER A 690 10.71 11.01 -21.37
CA SER A 690 12.07 10.73 -21.81
C SER A 690 13.09 10.92 -20.68
N ASN A 691 12.72 11.76 -19.72
CA ASN A 691 13.57 12.12 -18.57
C ASN A 691 13.77 10.95 -17.60
N PRO A 692 15.04 10.54 -17.39
CA PRO A 692 15.38 9.49 -16.42
C PRO A 692 15.08 9.86 -14.95
N ASN A 693 15.10 11.15 -14.62
CA ASN A 693 14.89 11.62 -13.24
C ASN A 693 13.42 11.57 -12.81
N ALA A 694 12.59 10.96 -13.64
CA ALA A 694 11.15 10.91 -13.44
C ALA A 694 10.71 9.92 -12.37
N ARG A 695 9.80 10.38 -11.52
CA ARG A 695 9.07 9.53 -10.57
C ARG A 695 8.29 8.49 -11.36
N ARG A 696 8.28 7.25 -10.86
CA ARG A 696 7.65 6.15 -11.57
C ARG A 696 6.16 6.30 -11.82
N GLU A 697 5.44 6.93 -10.88
CA GLU A 697 3.99 7.12 -10.99
C GLU A 697 3.58 8.01 -12.17
N LEU A 698 4.57 8.64 -12.82
CA LEU A 698 4.33 9.61 -13.88
C LEU A 698 4.21 8.94 -15.25
N LYS A 699 4.88 7.82 -15.45
CA LYS A 699 4.78 7.08 -16.71
C LYS A 699 3.32 6.67 -17.00
N PRO A 700 2.65 5.97 -16.07
CA PRO A 700 1.21 5.73 -16.18
C PRO A 700 0.36 7.01 -16.39
N ALA A 701 0.66 8.07 -15.65
CA ALA A 701 -0.08 9.33 -15.76
C ALA A 701 0.05 9.94 -17.16
N VAL A 702 1.29 9.97 -17.68
CA VAL A 702 1.58 10.51 -19.01
C VAL A 702 0.93 9.69 -20.11
N LEU A 703 1.09 8.36 -20.07
CA LEU A 703 0.44 7.47 -21.04
C LEU A 703 -1.09 7.65 -21.10
N SER A 704 -1.73 7.78 -19.94
CA SER A 704 -3.17 7.98 -19.86
C SER A 704 -3.64 9.30 -20.46
N VAL A 705 -2.88 10.38 -20.22
CA VAL A 705 -3.26 11.72 -20.73
C VAL A 705 -3.11 11.83 -22.26
N PHE A 706 -2.34 10.92 -22.86
CA PHE A 706 -2.25 10.81 -24.32
C PHE A 706 -3.60 10.41 -24.91
N GLY A 707 -4.31 9.54 -24.19
CA GLY A 707 -5.67 9.15 -24.55
C GLY A 707 -6.63 10.30 -24.44
N ASP A 708 -6.47 11.12 -23.40
CA ASP A 708 -7.32 12.30 -23.21
C ASP A 708 -7.14 13.35 -24.30
N ILE A 709 -5.88 13.58 -24.69
CA ILE A 709 -5.54 14.49 -25.77
C ILE A 709 -6.09 14.00 -27.11
N ALA A 710 -5.83 12.73 -27.43
CA ALA A 710 -6.27 12.10 -28.68
C ALA A 710 -7.78 12.11 -28.79
N SER A 711 -8.42 11.73 -27.70
CA SER A 711 -9.88 11.76 -27.57
C SER A 711 -10.46 13.11 -27.94
N ASN A 712 -9.78 14.16 -27.50
CA ASN A 712 -10.32 15.49 -27.60
C ASN A 712 -9.88 16.26 -28.84
N ILE A 713 -8.75 15.89 -29.44
CA ILE A 713 -8.30 16.58 -30.67
C ILE A 713 -8.64 15.82 -31.96
N GLY A 714 -9.04 14.55 -31.82
CA GLY A 714 -9.48 13.77 -32.96
C GLY A 714 -8.40 13.52 -34.01
N ALA A 715 -8.71 13.87 -35.26
CA ALA A 715 -7.85 13.56 -36.40
C ALA A 715 -6.54 14.36 -36.40
N ASP A 716 -6.51 15.46 -35.64
CA ASP A 716 -5.29 16.24 -35.43
C ASP A 716 -4.17 15.49 -34.71
N PHE A 717 -4.54 14.36 -34.09
CA PHE A 717 -3.61 13.55 -33.32
C PHE A 717 -2.78 12.65 -34.22
N ILE A 718 -3.25 12.48 -35.46
CA ILE A 718 -2.63 11.51 -36.36
C ILE A 718 -1.11 11.64 -36.53
N PRO A 719 -0.57 12.87 -36.72
CA PRO A 719 0.90 12.99 -36.78
C PRO A 719 1.65 12.50 -35.53
N TYR A 720 0.97 12.42 -34.38
CA TYR A 720 1.61 11.95 -33.15
C TYR A 720 1.36 10.48 -32.91
N LEU A 721 0.52 9.88 -33.74
CA LEU A 721 0.01 8.53 -33.52
C LEU A 721 1.11 7.45 -33.45
N ASN A 722 2.08 7.48 -34.36
CA ASN A 722 3.13 6.47 -34.38
C ASN A 722 4.09 6.55 -33.17
N ASP A 723 4.39 7.77 -32.73
CA ASP A 723 5.25 7.97 -31.57
C ASP A 723 4.60 7.43 -30.31
N ILE A 724 3.33 7.78 -30.12
CA ILE A 724 2.53 7.35 -28.97
C ILE A 724 2.29 5.84 -28.96
N MET A 725 1.99 5.27 -30.12
CA MET A 725 1.77 3.82 -30.23
C MET A 725 3.03 3.01 -29.93
N ALA A 726 4.20 3.60 -30.18
CA ALA A 726 5.47 2.96 -29.86
C ALA A 726 5.73 2.96 -28.36
N LEU A 727 5.33 4.02 -27.66
CA LEU A 727 5.43 4.09 -26.21
C LEU A 727 4.49 3.12 -25.51
N CYS A 728 3.32 2.89 -26.10
CA CYS A 728 2.31 1.97 -25.59
C CYS A 728 2.73 0.52 -25.78
N VAL A 729 3.25 0.20 -26.97
CA VAL A 729 3.77 -1.14 -27.29
C VAL A 729 4.92 -1.52 -26.34
N ALA A 730 5.94 -0.68 -26.25
CA ALA A 730 7.05 -0.88 -25.32
C ALA A 730 6.56 -1.00 -23.88
N ALA A 731 5.54 -0.23 -23.52
CA ALA A 731 4.95 -0.33 -22.18
C ALA A 731 4.23 -1.67 -21.95
N GLN A 732 3.37 -2.08 -22.88
CA GLN A 732 2.62 -3.33 -22.75
C GLN A 732 3.51 -4.60 -22.75
N ASN A 733 4.70 -4.48 -23.32
CA ASN A 733 5.67 -5.59 -23.36
C ASN A 733 6.66 -5.58 -22.21
N THR A 734 6.62 -4.55 -21.37
CA THR A 734 7.52 -4.47 -20.22
C THR A 734 7.01 -5.36 -19.10
N LYS A 735 7.89 -6.26 -18.64
CA LYS A 735 7.58 -7.15 -17.53
C LYS A 735 7.88 -6.44 -16.20
N PRO A 736 7.41 -7.01 -15.07
CA PRO A 736 7.80 -6.48 -13.76
C PRO A 736 9.33 -6.40 -13.62
N GLU A 737 9.83 -5.26 -13.12
CA GLU A 737 11.26 -5.04 -12.99
C GLU A 737 11.95 -5.98 -11.99
N ASN A 738 11.13 -6.65 -11.18
CA ASN A 738 11.56 -7.79 -10.34
C ASN A 738 10.37 -8.60 -9.84
N GLY A 739 10.63 -9.53 -8.92
CA GLY A 739 9.60 -10.46 -8.43
C GLY A 739 8.76 -10.03 -7.23
N THR A 740 8.92 -8.77 -6.79
CA THR A 740 8.13 -8.24 -5.65
C THR A 740 6.68 -7.93 -6.04
N LEU A 741 5.84 -7.75 -5.02
CA LEU A 741 4.43 -7.41 -5.20
C LEU A 741 4.25 -5.94 -5.63
N GLU A 742 5.24 -5.11 -5.30
CA GLU A 742 5.23 -3.69 -5.64
C GLU A 742 5.56 -3.46 -7.13
N ALA A 743 6.50 -4.25 -7.67
CA ALA A 743 6.87 -4.17 -9.09
C ALA A 743 5.76 -4.71 -9.98
N LEU A 744 5.03 -5.69 -9.46
CA LEU A 744 3.89 -6.28 -10.15
C LEU A 744 2.75 -5.29 -10.25
N ASP A 745 2.38 -4.67 -9.13
CA ASP A 745 1.30 -3.66 -9.06
C ASP A 745 1.59 -2.42 -9.90
N TYR A 746 2.87 -2.12 -10.07
CA TYR A 746 3.29 -1.07 -10.98
C TYR A 746 3.12 -1.48 -12.44
N GLN A 747 3.47 -2.73 -12.78
CA GLN A 747 3.22 -3.24 -14.13
C GLN A 747 1.75 -3.11 -14.48
N ILE A 748 0.89 -3.49 -13.55
CA ILE A 748 -0.57 -3.38 -13.70
C ILE A 748 -1.00 -1.92 -13.94
N LYS A 749 -0.44 -0.98 -13.18
CA LYS A 749 -0.72 0.44 -13.38
C LYS A 749 -0.34 0.95 -14.79
N VAL A 750 0.86 0.58 -15.25
CA VAL A 750 1.31 0.88 -16.62
C VAL A 750 0.30 0.33 -17.64
N LEU A 751 -0.06 -0.94 -17.50
CA LEU A 751 -1.02 -1.59 -18.39
C LEU A 751 -2.41 -0.94 -18.38
N GLU A 752 -2.83 -0.45 -17.21
CA GLU A 752 -4.09 0.25 -17.08
C GLU A 752 -4.02 1.60 -17.80
N ALA A 753 -2.84 2.18 -17.85
CA ALA A 753 -2.58 3.44 -18.57
C ALA A 753 -2.59 3.23 -20.07
N VAL A 754 -1.94 2.16 -20.53
CA VAL A 754 -1.95 1.78 -21.96
C VAL A 754 -3.38 1.58 -22.46
N LEU A 755 -4.22 0.96 -21.62
CA LEU A 755 -5.65 0.82 -21.89
C LEU A 755 -6.32 2.17 -22.08
N ASP A 756 -6.07 3.10 -21.16
CA ASP A 756 -6.56 4.49 -21.25
C ASP A 756 -6.09 5.20 -22.52
N ALA A 757 -4.84 4.97 -22.91
CA ALA A 757 -4.31 5.54 -24.14
C ALA A 757 -5.05 4.99 -25.36
N TYR A 758 -5.23 3.66 -25.41
CA TYR A 758 -5.93 3.02 -26.54
C TYR A 758 -7.38 3.44 -26.66
N VAL A 759 -8.06 3.52 -25.52
CA VAL A 759 -9.43 4.02 -25.43
C VAL A 759 -9.58 5.43 -26.03
N GLY A 760 -8.68 6.34 -25.65
CA GLY A 760 -8.71 7.71 -26.15
C GLY A 760 -8.43 7.78 -27.65
N ILE A 761 -7.39 7.08 -28.07
CA ILE A 761 -6.96 7.03 -29.46
C ILE A 761 -8.06 6.49 -30.40
N VAL A 762 -8.65 5.36 -30.03
CA VAL A 762 -9.77 4.79 -30.78
C VAL A 762 -10.93 5.79 -30.90
N ALA A 763 -11.28 6.46 -29.78
CA ALA A 763 -12.38 7.43 -29.77
C ALA A 763 -12.08 8.63 -30.65
N GLY A 764 -10.88 9.20 -30.51
CA GLY A 764 -10.45 10.33 -31.32
C GLY A 764 -10.37 10.00 -32.79
N LEU A 765 -10.04 8.76 -33.10
CA LEU A 765 -9.83 8.35 -34.49
C LEU A 765 -10.94 7.47 -35.07
N HIS A 766 -12.06 7.34 -34.37
CA HIS A 766 -13.16 6.44 -34.80
C HIS A 766 -13.69 6.76 -36.20
N ASP A 767 -13.55 8.01 -36.63
CA ASP A 767 -13.89 8.44 -38.00
C ASP A 767 -12.69 8.42 -38.95
N LYS A 768 -11.58 7.82 -38.51
CA LYS A 768 -10.35 7.77 -39.29
C LYS A 768 -9.69 6.40 -39.18
N PRO A 769 -10.42 5.33 -39.56
CA PRO A 769 -9.95 3.96 -39.34
C PRO A 769 -8.63 3.60 -40.05
N GLU A 770 -8.39 4.19 -41.22
CA GLU A 770 -7.16 3.93 -41.99
C GLU A 770 -5.87 4.22 -41.22
N ALA A 771 -5.89 5.28 -40.41
CA ALA A 771 -4.78 5.66 -39.54
C ALA A 771 -4.54 4.62 -38.44
N LEU A 772 -5.62 4.04 -37.95
CA LEU A 772 -5.55 3.10 -36.83
C LEU A 772 -5.27 1.66 -37.28
N PHE A 773 -5.59 1.36 -38.54
CA PHE A 773 -5.46 0.01 -39.09
C PHE A 773 -4.18 -0.74 -38.70
N PRO A 774 -2.98 -0.18 -39.01
CA PRO A 774 -1.72 -0.87 -38.76
C PRO A 774 -1.49 -1.27 -37.31
N TYR A 775 -2.25 -0.67 -36.40
CA TYR A 775 -2.05 -0.86 -34.98
C TYR A 775 -3.09 -1.78 -34.35
N VAL A 776 -4.06 -2.22 -35.15
CA VAL A 776 -5.15 -3.05 -34.63
C VAL A 776 -4.66 -4.36 -34.00
N GLY A 777 -3.68 -5.00 -34.63
CA GLY A 777 -3.12 -6.25 -34.12
C GLY A 777 -2.46 -6.06 -32.77
N THR A 778 -1.82 -4.90 -32.60
CA THR A 778 -1.10 -4.54 -31.37
C THR A 778 -2.08 -4.30 -30.24
N ILE A 779 -3.21 -3.66 -30.56
CA ILE A 779 -4.28 -3.43 -29.61
C ILE A 779 -4.95 -4.74 -29.17
N PHE A 780 -5.02 -5.72 -30.06
CA PHE A 780 -5.54 -7.06 -29.72
C PHE A 780 -4.58 -7.88 -28.87
N GLN A 781 -3.27 -7.65 -29.04
CA GLN A 781 -2.26 -8.26 -28.17
C GLN A 781 -2.48 -7.75 -26.75
N PHE A 782 -2.76 -6.45 -26.62
CA PHE A 782 -2.99 -5.85 -25.30
C PHE A 782 -4.28 -6.37 -24.67
N ILE A 783 -5.34 -6.46 -25.48
CA ILE A 783 -6.62 -7.02 -25.04
C ILE A 783 -6.46 -8.48 -24.55
N ALA A 784 -5.61 -9.24 -25.23
CA ALA A 784 -5.32 -10.62 -24.85
C ALA A 784 -4.59 -10.73 -23.50
N GLN A 785 -3.84 -9.68 -23.14
CA GLN A 785 -3.23 -9.56 -21.81
C GLN A 785 -4.28 -9.28 -20.73
N VAL A 786 -5.29 -8.50 -21.06
CA VAL A 786 -6.40 -8.23 -20.14
C VAL A 786 -7.19 -9.52 -19.87
N ALA A 787 -7.44 -10.29 -20.92
CA ALA A 787 -8.22 -11.53 -20.84
C ALA A 787 -7.49 -12.67 -20.11
N GLU A 788 -6.16 -12.60 -20.11
CA GLU A 788 -5.30 -13.60 -19.48
C GLU A 788 -4.96 -13.26 -18.03
N ASP A 789 -4.72 -11.99 -17.74
CA ASP A 789 -4.27 -11.55 -16.41
C ASP A 789 -5.45 -11.24 -15.49
N PRO A 790 -5.54 -11.93 -14.32
CA PRO A 790 -6.66 -11.77 -13.40
C PRO A 790 -6.77 -10.38 -12.77
N GLN A 791 -5.62 -9.76 -12.50
CA GLN A 791 -5.55 -8.41 -11.93
C GLN A 791 -6.04 -7.35 -12.93
N LEU A 792 -6.31 -7.77 -14.16
CA LEU A 792 -6.89 -6.89 -15.15
C LEU A 792 -8.38 -7.18 -15.39
N TYR A 793 -8.73 -8.37 -15.88
CA TYR A 793 -10.13 -8.66 -16.28
C TYR A 793 -11.16 -8.57 -15.15
N SER A 794 -10.80 -9.03 -13.95
CA SER A 794 -11.72 -9.05 -12.81
C SER A 794 -12.13 -7.65 -12.35
N GLU A 795 -11.39 -6.65 -12.82
CA GLU A 795 -11.73 -5.25 -12.56
C GLU A 795 -12.80 -4.75 -13.54
N ASP A 796 -13.92 -4.30 -12.97
CA ASP A 796 -15.10 -3.90 -13.73
C ASP A 796 -14.76 -2.92 -14.85
N ALA A 797 -14.11 -1.81 -14.49
CA ALA A 797 -13.79 -0.75 -15.45
C ALA A 797 -12.78 -1.22 -16.50
N THR A 798 -11.84 -2.06 -16.11
CA THR A 798 -10.84 -2.60 -17.05
C THR A 798 -11.48 -3.52 -18.09
N SER A 799 -12.45 -4.32 -17.67
CA SER A 799 -13.15 -5.22 -18.59
C SER A 799 -14.15 -4.49 -19.48
N ARG A 800 -14.87 -3.53 -18.92
CA ARG A 800 -15.78 -2.71 -19.72
C ARG A 800 -15.02 -1.98 -20.82
N ALA A 801 -13.87 -1.40 -20.48
CA ALA A 801 -13.02 -0.70 -21.43
C ALA A 801 -12.43 -1.62 -22.49
N ALA A 802 -11.90 -2.77 -22.08
CA ALA A 802 -11.27 -3.70 -23.02
C ALA A 802 -12.26 -4.26 -24.04
N VAL A 803 -13.43 -4.66 -23.56
CA VAL A 803 -14.48 -5.22 -24.42
C VAL A 803 -15.15 -4.10 -25.22
N GLY A 804 -15.16 -2.88 -24.68
CA GLY A 804 -15.57 -1.69 -25.40
C GLY A 804 -14.69 -1.41 -26.61
N LEU A 805 -13.39 -1.68 -26.49
CA LEU A 805 -12.42 -1.57 -27.58
C LEU A 805 -12.62 -2.64 -28.65
N ILE A 806 -12.88 -3.87 -28.22
CA ILE A 806 -13.25 -4.96 -29.13
C ILE A 806 -14.38 -4.52 -30.07
N GLY A 807 -15.48 -4.02 -29.48
CA GLY A 807 -16.67 -3.66 -30.24
C GLY A 807 -16.54 -2.38 -31.04
N ASP A 808 -15.85 -1.38 -30.49
CA ASP A 808 -15.62 -0.12 -31.21
C ASP A 808 -14.70 -0.29 -32.43
N ILE A 809 -13.62 -1.05 -32.27
CA ILE A 809 -12.74 -1.38 -33.40
C ILE A 809 -13.51 -2.16 -34.51
N ALA A 810 -14.39 -3.08 -34.11
CA ALA A 810 -15.28 -3.76 -35.06
C ALA A 810 -16.13 -2.80 -35.90
N ALA A 811 -16.82 -1.87 -35.24
CA ALA A 811 -17.67 -0.88 -35.91
C ALA A 811 -16.87 0.02 -36.84
N MET A 812 -15.60 0.19 -36.51
CA MET A 812 -14.66 1.00 -37.26
C MET A 812 -14.19 0.37 -38.57
N PHE A 813 -14.27 -0.95 -38.66
CA PHE A 813 -13.80 -1.68 -39.83
C PHE A 813 -14.84 -2.67 -40.38
N PRO A 814 -15.91 -2.15 -41.02
CA PRO A 814 -16.99 -2.97 -41.58
C PRO A 814 -16.65 -3.65 -42.91
N ASP A 815 -15.43 -3.40 -43.42
CA ASP A 815 -14.98 -3.93 -44.70
C ASP A 815 -14.45 -5.36 -44.65
N GLY A 816 -14.37 -5.91 -43.43
CA GLY A 816 -13.88 -7.27 -43.23
C GLY A 816 -12.37 -7.41 -43.25
N SER A 817 -11.65 -6.29 -43.17
CA SER A 817 -10.19 -6.29 -43.23
C SER A 817 -9.53 -6.73 -41.92
N ILE A 818 -10.34 -6.86 -40.87
CA ILE A 818 -9.85 -7.30 -39.56
C ILE A 818 -10.75 -8.36 -38.91
N LYS A 819 -11.56 -9.04 -39.72
CA LYS A 819 -12.57 -9.97 -39.22
C LYS A 819 -11.98 -11.25 -38.61
N GLN A 820 -10.76 -11.59 -39.03
CA GLN A 820 -10.04 -12.77 -38.55
C GLN A 820 -9.68 -12.71 -37.06
N PHE A 821 -9.62 -11.49 -36.53
CA PHE A 821 -9.40 -11.26 -35.09
C PHE A 821 -10.64 -11.65 -34.30
N TYR A 822 -11.79 -11.67 -34.98
CA TYR A 822 -13.10 -11.78 -34.33
C TYR A 822 -13.65 -13.19 -34.31
N GLY A 823 -12.98 -14.11 -35.01
CA GLY A 823 -13.34 -15.53 -34.98
C GLY A 823 -12.46 -16.35 -34.06
N GLN A 824 -11.69 -15.66 -33.20
CA GLN A 824 -10.83 -16.31 -32.23
C GLN A 824 -11.62 -16.73 -30.99
N ASP A 825 -11.39 -17.95 -30.54
CA ASP A 825 -12.01 -18.49 -29.33
C ASP A 825 -11.82 -17.59 -28.10
N TRP A 826 -10.58 -17.18 -27.86
CA TRP A 826 -10.27 -16.31 -26.71
C TRP A 826 -11.11 -15.04 -26.69
N VAL A 827 -11.32 -14.46 -27.87
CA VAL A 827 -12.12 -13.23 -28.03
C VAL A 827 -13.60 -13.47 -27.74
N ILE A 828 -14.16 -14.49 -28.40
CA ILE A 828 -15.52 -14.97 -28.14
C ILE A 828 -15.76 -15.29 -26.66
N ASP A 829 -14.85 -16.08 -26.08
CA ASP A 829 -14.96 -16.52 -24.67
C ASP A 829 -14.83 -15.38 -23.66
N TYR A 830 -13.93 -14.43 -23.92
CA TYR A 830 -13.78 -13.25 -23.07
C TYR A 830 -15.00 -12.33 -23.10
N ILE A 831 -15.64 -12.24 -24.27
CA ILE A 831 -16.91 -11.54 -24.40
C ILE A 831 -17.98 -12.22 -23.55
N LYS A 832 -18.06 -13.55 -23.62
CA LYS A 832 -18.99 -14.33 -22.80
C LYS A 832 -18.77 -14.19 -21.27
N ARG A 833 -17.51 -14.05 -20.85
CA ARG A 833 -17.17 -13.90 -19.43
C ARG A 833 -17.61 -12.54 -18.90
N THR A 834 -17.49 -11.52 -19.74
CA THR A 834 -17.85 -10.15 -19.38
C THR A 834 -19.38 -9.99 -19.36
N ARG A 835 -20.06 -10.72 -20.24
CA ARG A 835 -21.52 -10.79 -20.28
C ARG A 835 -22.08 -11.43 -19.00
N SER A 836 -21.50 -12.58 -18.63
CA SER A 836 -21.94 -13.34 -17.45
C SER A 836 -21.43 -12.75 -16.14
N GLY A 837 -20.10 -12.60 -16.03
CA GLY A 837 -19.39 -12.23 -14.80
C GLY A 837 -20.24 -11.62 -13.69
N GLN A 838 -20.58 -12.45 -12.70
CA GLN A 838 -21.53 -12.09 -11.63
C GLN A 838 -21.22 -10.76 -10.94
N LEU A 839 -19.93 -10.42 -10.84
CA LEU A 839 -19.52 -9.20 -10.15
C LEU A 839 -19.17 -8.04 -11.10
N PHE A 840 -19.68 -8.12 -12.34
CA PHE A 840 -19.64 -6.99 -13.27
C PHE A 840 -20.95 -6.20 -13.20
N SER A 841 -20.85 -4.89 -13.45
CA SER A 841 -22.02 -4.00 -13.44
C SER A 841 -22.83 -4.10 -14.75
N GLN A 842 -24.04 -3.54 -14.73
CA GLN A 842 -24.94 -3.62 -15.89
C GLN A 842 -24.43 -2.79 -17.08
N ALA A 843 -23.60 -1.79 -16.79
CA ALA A 843 -22.96 -0.99 -17.84
C ALA A 843 -21.85 -1.79 -18.50
N THR A 844 -21.22 -2.67 -17.72
CA THR A 844 -20.17 -3.55 -18.23
C THR A 844 -20.77 -4.66 -19.08
N LYS A 845 -21.96 -5.12 -18.71
CA LYS A 845 -22.64 -6.20 -19.43
C LYS A 845 -23.19 -5.74 -20.78
N ASP A 846 -23.81 -4.55 -20.77
CA ASP A 846 -24.29 -3.87 -21.97
C ASP A 846 -23.18 -3.62 -23.00
N THR A 847 -22.00 -3.27 -22.50
CA THR A 847 -20.84 -3.06 -23.36
C THR A 847 -20.38 -4.38 -24.00
N ALA A 848 -20.41 -5.47 -23.23
CA ALA A 848 -20.09 -6.80 -23.77
C ALA A 848 -21.11 -7.29 -24.81
N ARG A 849 -22.40 -7.03 -24.58
CA ARG A 849 -23.45 -7.32 -25.56
C ARG A 849 -23.15 -6.62 -26.89
N TRP A 850 -22.75 -5.35 -26.81
CA TRP A 850 -22.39 -4.52 -27.97
C TRP A 850 -21.20 -5.08 -28.75
N ALA A 851 -20.18 -5.53 -28.03
CA ALA A 851 -19.01 -6.16 -28.64
C ALA A 851 -19.37 -7.50 -29.28
N ARG A 852 -20.31 -8.23 -28.65
CA ARG A 852 -20.81 -9.51 -29.18
C ARG A 852 -21.59 -9.31 -30.48
N GLU A 853 -22.42 -8.27 -30.52
CA GLU A 853 -23.19 -7.93 -31.72
C GLU A 853 -22.28 -7.47 -32.84
N GLN A 854 -21.25 -6.71 -32.50
CA GLN A 854 -20.25 -6.24 -33.46
C GLN A 854 -19.35 -7.37 -33.95
N GLN A 855 -18.99 -8.27 -33.03
CA GLN A 855 -18.23 -9.47 -33.36
C GLN A 855 -18.98 -10.42 -34.30
N LYS A 856 -20.26 -10.66 -34.02
CA LYS A 856 -21.14 -11.44 -34.91
C LYS A 856 -21.25 -10.82 -36.30
N ARG A 857 -21.33 -9.49 -36.35
CA ARG A 857 -21.34 -8.73 -37.61
C ARG A 857 -20.07 -8.97 -38.42
N GLN A 858 -18.94 -9.08 -37.73
CA GLN A 858 -17.63 -9.28 -38.36
C GLN A 858 -17.49 -10.65 -39.02
N LEU A 859 -18.15 -11.65 -38.44
CA LEU A 859 -18.09 -13.02 -38.97
C LEU A 859 -18.90 -13.16 -40.27
N SER A 860 -20.00 -12.42 -40.36
CA SER A 860 -20.84 -12.37 -41.56
C SER A 860 -20.10 -11.77 -42.75
N LEU A 861 -19.16 -10.86 -42.48
CA LEU A 861 -18.36 -10.19 -43.51
C LEU A 861 -17.29 -11.14 -44.07
#